data_8W1V
#
_entry.id   8W1V
#
_cell.length_a   73.680
_cell.length_b   146.770
_cell.length_c   91.830
_cell.angle_alpha   90.000
_cell.angle_beta   107.060
_cell.angle_gamma   90.000
#
_symmetry.space_group_name_H-M   'P 1 21 1'
#
loop_
_entity.id
_entity.type
_entity.pdbx_description
1 polymer 'Beta-2 adrenergic receptor,Endolysin'
2 polymer Nanobody60
3 non-polymer (2S)-1-[(3-{1-[4-(4-{(2S)-2-hydroxy-3-[(propan-2-yl)amino]propoxy}phenyl)butyl]-1H-1,2,3-triazol-4-yl}propyl)amino]-3-(2-propylphenoxy)propan-2-ol
4 non-polymer 'Lauryl Maltose Neopentyl Glycol'
#
loop_
_entity_poly.entity_id
_entity_poly.type
_entity_poly.pdbx_seq_one_letter_code
_entity_poly.pdbx_strand_id
1 'polypeptide(L)'
;MKTIIALSYIFCLVFADYKDDDDAMGQPGNGSAFLLAPNRSHAPDHDVTQQRDEVWVVGMGIVMSLIVLAIVFGNVLVIT
AIAKFERLQTVTNYFITSLACADLVMGLAVVPFGAAHILMKMWTFGNFWCEFWTSIDVLCVTASIETLCVIAVDRYFAIT
SPFKYQSLLTKNKARVIILMVWIVSGLTSFLPIQMHWYRATHQEAINCYAEETCCDFFTNQAYAIASSIVSFYVPLVIMV
FVYSRVFQEAKRQLYKIDKSEGRFHVQNLSQVEQDGRTGHGLRRSSKFCLKEHKALKTLGIIMGTFTLCWLPFFIVNIVH
VIQDNLIRKEVYILLNWIGYVNSGFNPLIYCRSPDFRIAFQELLCLRRSSLKAYGNGYSSNGNTGEQSGNIFEMLRIDEG
LRLKIYKDTEGYYTIGIGHLLTKSPSLNAAKSELDKAIGRNTNGVITKDEAEKLFNQDVDAAVRGILRNAKLKPVYDSLD
AVRRAALINMVFQMGETGVAGFTNSLRMLQQKRWDEAAVNLAKSRWYNQTPNRAKRVITTFRTGTWDAY
;
A,B
2 'polypeptide(L)'
;QVQLQESGGGLVQAGGSLRLSCAASGSIFSLNDMGWYRQAPGKLRELVAAITSGGSTKYADSVKGRFTISRDNAKNTVYL
QMNSLKAEDTAVYYCNAKVAGTFSIYDYWGQGTQVTVSSHHHHHH
;
D,F
#
loop_
_chem_comp.id
_chem_comp.type
_chem_comp.name
_chem_comp.formula
A1AE2 non-polymer (2S)-1-[(3-{1-[4-(4-{(2S)-2-hydroxy-3-[(propan-2-yl)amino]propoxy}phenyl)butyl]-1H-1,2,3-triazol-4-yl}propyl)amino]-3-(2-propylphenoxy)propan-2-ol 'C33 H51 N5 O4'
AV0 non-polymer 'Lauryl Maltose Neopentyl Glycol' 'C47 H88 O22'
#
# COMPACT_ATOMS: atom_id res chain seq x y z
N ASP A 53 23.31 38.23 -42.95
CA ASP A 53 22.40 37.60 -43.88
C ASP A 53 21.11 37.17 -43.18
N GLU A 54 20.00 37.74 -43.63
CA GLU A 54 18.68 37.45 -43.05
C GLU A 54 18.16 36.06 -43.45
N VAL A 55 18.95 35.29 -44.20
CA VAL A 55 18.53 33.94 -44.59
C VAL A 55 18.41 33.03 -43.37
N TRP A 56 19.34 33.17 -42.42
CA TRP A 56 19.32 32.32 -41.23
C TRP A 56 18.11 32.64 -40.35
N VAL A 57 17.78 33.92 -40.18
CA VAL A 57 16.77 34.29 -39.20
C VAL A 57 15.38 33.81 -39.63
N VAL A 58 15.08 33.83 -40.93
CA VAL A 58 13.79 33.34 -41.38
C VAL A 58 13.78 31.82 -41.49
N GLY A 59 14.95 31.20 -41.68
CA GLY A 59 15.02 29.75 -41.67
C GLY A 59 14.71 29.17 -40.30
N MET A 60 15.29 29.75 -39.25
CA MET A 60 15.01 29.26 -37.91
C MET A 60 13.58 29.59 -37.47
N GLY A 61 13.06 30.75 -37.89
CA GLY A 61 11.68 31.08 -37.58
C GLY A 61 10.70 30.05 -38.08
N ILE A 62 10.90 29.55 -39.31
CA ILE A 62 10.08 28.46 -39.81
C ILE A 62 10.32 27.19 -38.99
N VAL A 63 11.59 26.86 -38.74
CA VAL A 63 11.90 25.65 -37.99
C VAL A 63 11.36 25.75 -36.57
N MET A 64 11.43 26.93 -35.96
CA MET A 64 10.92 27.09 -34.61
C MET A 64 9.41 27.08 -34.57
N SER A 65 8.77 27.65 -35.58
CA SER A 65 7.31 27.66 -35.62
C SER A 65 6.76 26.24 -35.65
N LEU A 66 7.37 25.37 -36.46
CA LEU A 66 6.92 23.98 -36.53
C LEU A 66 7.14 23.27 -35.19
N ILE A 67 8.26 23.53 -34.54
CA ILE A 67 8.52 22.92 -33.23
C ILE A 67 7.40 23.28 -32.25
N VAL A 68 7.08 24.57 -32.17
CA VAL A 68 5.93 24.98 -31.37
C VAL A 68 4.66 24.32 -31.89
N LEU A 69 4.53 24.25 -33.22
CA LEU A 69 3.34 23.66 -33.83
C LEU A 69 3.22 22.18 -33.50
N ALA A 70 4.33 21.44 -33.59
CA ALA A 70 4.31 20.03 -33.24
C ALA A 70 3.90 19.83 -31.79
N ILE A 71 4.48 20.61 -30.88
CA ILE A 71 4.22 20.43 -29.45
C ILE A 71 2.74 20.58 -29.14
N VAL A 72 2.13 21.68 -29.61
CA VAL A 72 0.73 21.94 -29.30
C VAL A 72 -0.17 20.90 -29.95
N PHE A 73 0.15 20.47 -31.17
CA PHE A 73 -0.70 19.52 -31.88
C PHE A 73 -0.74 18.17 -31.16
N GLY A 74 0.41 17.52 -31.05
CA GLY A 74 0.47 16.18 -30.49
C GLY A 74 0.00 16.08 -29.04
N ASN A 75 -0.02 17.20 -28.31
CA ASN A 75 -0.45 17.16 -26.92
C ASN A 75 -1.91 17.51 -26.73
N VAL A 76 -2.51 18.27 -27.64
CA VAL A 76 -3.97 18.35 -27.69
C VAL A 76 -4.55 17.02 -28.13
N LEU A 77 -3.84 16.33 -29.01
CA LEU A 77 -4.26 14.99 -29.44
C LEU A 77 -4.27 14.01 -28.28
N VAL A 78 -3.23 14.04 -27.44
CA VAL A 78 -3.15 13.12 -26.31
C VAL A 78 -4.27 13.42 -25.31
N ILE A 79 -4.39 14.68 -24.90
CA ILE A 79 -5.42 15.06 -23.92
C ILE A 79 -6.80 14.68 -24.43
N THR A 80 -7.02 14.82 -25.75
CA THR A 80 -8.32 14.49 -26.32
C THR A 80 -8.65 13.01 -26.16
N ALA A 81 -7.70 12.15 -26.50
CA ALA A 81 -7.94 10.71 -26.46
C ALA A 81 -8.37 10.27 -25.06
N ILE A 82 -7.56 10.57 -24.04
CA ILE A 82 -7.85 10.13 -22.68
C ILE A 82 -9.20 10.68 -22.21
N ALA A 83 -9.61 11.83 -22.71
CA ALA A 83 -10.89 12.40 -22.30
C ALA A 83 -12.06 11.81 -23.08
N LYS A 84 -11.92 11.66 -24.40
CA LYS A 84 -13.02 11.13 -25.20
C LYS A 84 -13.32 9.67 -24.85
N PHE A 85 -12.30 8.82 -24.91
CA PHE A 85 -12.47 7.38 -24.88
C PHE A 85 -12.52 6.85 -23.44
N GLU A 86 -13.53 6.04 -23.17
CA GLU A 86 -13.73 5.49 -21.84
C GLU A 86 -12.76 4.35 -21.51
N ARG A 87 -12.21 3.68 -22.53
CA ARG A 87 -11.23 2.63 -22.29
C ARG A 87 -9.96 3.19 -21.65
N LEU A 88 -9.63 4.45 -21.91
CA LEU A 88 -8.35 5.03 -21.52
C LEU A 88 -8.40 5.78 -20.19
N GLN A 89 -9.46 5.58 -19.40
CA GLN A 89 -9.63 6.33 -18.16
C GLN A 89 -8.86 5.71 -17.01
N THR A 90 -7.58 5.42 -17.21
CA THR A 90 -6.76 4.86 -16.14
C THR A 90 -6.13 5.98 -15.33
N VAL A 91 -5.83 5.68 -14.06
CA VAL A 91 -5.08 6.60 -13.22
C VAL A 91 -3.73 6.90 -13.86
N THR A 92 -3.10 5.88 -14.45
CA THR A 92 -1.85 6.10 -15.18
C THR A 92 -2.03 7.15 -16.28
N ASN A 93 -3.23 7.25 -16.84
CA ASN A 93 -3.46 8.20 -17.92
C ASN A 93 -3.82 9.59 -17.42
N TYR A 94 -4.40 9.70 -16.21
CA TYR A 94 -4.58 11.01 -15.61
C TYR A 94 -3.25 11.70 -15.36
N PHE A 95 -2.19 10.93 -15.13
CA PHE A 95 -0.85 11.48 -15.04
C PHE A 95 -0.32 11.81 -16.43
N ILE A 96 -0.62 10.96 -17.41
CA ILE A 96 -0.26 11.22 -18.79
C ILE A 96 -0.83 12.57 -19.22
N THR A 97 -2.02 12.91 -18.73
CA THR A 97 -2.70 14.13 -19.12
C THR A 97 -1.94 15.36 -18.62
N SER A 98 -1.85 15.52 -17.29
CA SER A 98 -1.15 16.68 -16.74
C SER A 98 0.27 16.78 -17.27
N LEU A 99 0.89 15.63 -17.58
CA LEU A 99 2.18 15.65 -18.27
C LEU A 99 2.05 16.35 -19.62
N ALA A 100 0.90 16.19 -20.28
CA ALA A 100 0.70 16.85 -21.57
C ALA A 100 0.21 18.28 -21.40
N CYS A 101 -0.45 18.59 -20.28
CA CYS A 101 -0.77 19.99 -19.99
C CYS A 101 0.50 20.78 -19.70
N ALA A 102 1.44 20.18 -18.95
CA ALA A 102 2.73 20.83 -18.75
C ALA A 102 3.47 21.04 -20.06
N ASP A 103 3.31 20.11 -21.01
CA ASP A 103 3.92 20.30 -22.34
C ASP A 103 3.15 21.32 -23.17
N LEU A 104 1.84 21.45 -22.94
CA LEU A 104 1.05 22.40 -23.70
C LEU A 104 1.37 23.83 -23.26
N VAL A 105 1.55 24.05 -21.96
CA VAL A 105 1.93 25.37 -21.46
C VAL A 105 3.27 25.79 -22.03
N MET A 106 4.24 24.87 -22.07
CA MET A 106 5.53 25.18 -22.69
C MET A 106 5.36 25.58 -24.15
N GLY A 107 4.56 24.81 -24.91
CA GLY A 107 4.36 25.13 -26.31
C GLY A 107 3.72 26.49 -26.52
N LEU A 108 2.82 26.88 -25.64
CA LEU A 108 2.14 28.16 -25.77
C LEU A 108 2.89 29.28 -25.03
N ALA A 109 3.05 29.14 -23.72
CA ALA A 109 3.52 30.24 -22.88
C ALA A 109 5.03 30.42 -22.85
N VAL A 110 5.81 29.36 -23.08
CA VAL A 110 7.25 29.47 -22.88
C VAL A 110 8.00 29.47 -24.21
N VAL A 111 7.97 28.34 -24.92
CA VAL A 111 8.85 28.14 -26.08
C VAL A 111 8.77 29.29 -27.09
N PRO A 112 7.59 29.80 -27.49
CA PRO A 112 7.58 30.87 -28.50
C PRO A 112 8.35 32.11 -28.10
N PHE A 113 8.22 32.55 -26.83
CA PHE A 113 8.93 33.75 -26.40
C PHE A 113 10.44 33.53 -26.38
N GLY A 114 10.87 32.33 -26.00
CA GLY A 114 12.27 31.99 -26.14
C GLY A 114 12.74 31.95 -27.59
N ALA A 115 11.82 31.71 -28.52
CA ALA A 115 12.16 31.81 -29.94
C ALA A 115 12.29 33.26 -30.37
N ALA A 116 11.37 34.11 -29.91
CA ALA A 116 11.45 35.54 -30.23
C ALA A 116 12.73 36.15 -29.71
N HIS A 117 13.17 35.74 -28.51
CA HIS A 117 14.39 36.29 -27.92
C HIS A 117 15.60 35.97 -28.80
N ILE A 118 15.69 34.75 -29.31
CA ILE A 118 16.85 34.36 -30.11
C ILE A 118 16.88 35.13 -31.43
N LEU A 119 15.72 35.22 -32.10
CA LEU A 119 15.69 35.85 -33.42
C LEU A 119 15.79 37.37 -33.32
N MET A 120 15.03 37.98 -32.41
CA MET A 120 15.11 39.43 -32.17
C MET A 120 16.41 39.86 -31.52
N LYS A 121 17.22 38.92 -31.04
CA LYS A 121 18.49 39.20 -30.35
C LYS A 121 18.30 40.00 -29.06
N MET A 122 17.10 40.03 -28.50
CA MET A 122 16.81 40.76 -27.27
C MET A 122 15.41 40.42 -26.80
N TRP A 123 15.11 40.84 -25.56
CA TRP A 123 13.81 40.61 -24.93
C TRP A 123 12.95 41.84 -25.11
N THR A 124 11.82 41.69 -25.80
CA THR A 124 10.98 42.82 -26.18
C THR A 124 9.71 42.95 -25.34
N PHE A 125 9.52 42.11 -24.33
CA PHE A 125 8.24 42.02 -23.65
C PHE A 125 8.25 42.67 -22.27
N GLY A 126 9.32 43.36 -21.90
CA GLY A 126 9.40 43.99 -20.60
C GLY A 126 9.82 43.02 -19.51
N ASN A 127 10.10 43.59 -18.34
CA ASN A 127 10.61 42.79 -17.23
C ASN A 127 9.52 42.07 -16.44
N PHE A 128 8.26 42.51 -16.53
CA PHE A 128 7.20 41.78 -15.85
C PHE A 128 7.00 40.41 -16.47
N TRP A 129 6.74 40.37 -17.78
CA TRP A 129 6.62 39.09 -18.45
C TRP A 129 7.92 38.31 -18.36
N CYS A 130 9.05 39.01 -18.27
CA CYS A 130 10.35 38.35 -18.22
C CYS A 130 10.48 37.48 -16.97
N GLU A 131 10.02 37.98 -15.83
CA GLU A 131 10.05 37.19 -14.61
C GLU A 131 8.88 36.20 -14.55
N PHE A 132 7.76 36.53 -15.22
CA PHE A 132 6.65 35.59 -15.33
C PHE A 132 6.97 34.48 -16.31
N TRP A 133 7.63 34.80 -17.41
CA TRP A 133 7.94 33.81 -18.43
C TRP A 133 8.79 32.68 -17.85
N THR A 134 9.78 33.02 -17.03
CA THR A 134 10.67 32.00 -16.49
C THR A 134 10.03 31.25 -15.33
N SER A 135 9.28 31.94 -14.47
CA SER A 135 8.60 31.24 -13.40
C SER A 135 7.59 30.24 -13.94
N ILE A 136 7.07 30.47 -15.15
CA ILE A 136 6.26 29.47 -15.82
C ILE A 136 7.14 28.37 -16.40
N ASP A 137 8.26 28.76 -17.01
CA ASP A 137 9.19 27.80 -17.61
C ASP A 137 9.60 26.73 -16.59
N VAL A 138 10.00 27.17 -15.39
CA VAL A 138 10.42 26.21 -14.38
C VAL A 138 9.24 25.51 -13.73
N LEU A 139 8.05 26.10 -13.77
CA LEU A 139 6.87 25.40 -13.25
C LEU A 139 6.57 24.16 -14.08
N CYS A 140 6.74 24.26 -15.40
CA CYS A 140 6.44 23.13 -16.28
C CYS A 140 7.49 22.04 -16.19
N VAL A 141 8.74 22.40 -15.88
CA VAL A 141 9.78 21.39 -15.82
C VAL A 141 9.76 20.69 -14.45
N THR A 142 9.33 21.40 -13.41
CA THR A 142 9.27 20.77 -12.09
C THR A 142 7.97 19.99 -11.89
N ALA A 143 6.84 20.51 -12.36
CA ALA A 143 5.60 19.76 -12.29
C ALA A 143 5.66 18.49 -13.14
N SER A 144 6.56 18.43 -14.12
CA SER A 144 6.71 17.23 -14.94
C SER A 144 7.45 16.13 -14.20
N ILE A 145 8.71 16.38 -13.86
CA ILE A 145 9.51 15.36 -13.16
C ILE A 145 8.83 14.93 -11.87
N GLU A 146 8.05 15.83 -11.25
CA GLU A 146 7.29 15.43 -10.07
C GLU A 146 6.11 14.54 -10.43
N THR A 147 5.67 14.54 -11.69
CA THR A 147 4.63 13.61 -12.12
C THR A 147 5.23 12.33 -12.68
N LEU A 148 6.27 12.44 -13.50
CA LEU A 148 7.00 11.27 -13.97
C LEU A 148 7.57 10.46 -12.83
N CYS A 149 7.73 11.06 -11.66
CA CYS A 149 8.18 10.35 -10.48
C CYS A 149 7.02 9.76 -9.68
N VAL A 150 5.82 10.35 -9.79
CA VAL A 150 4.64 9.76 -9.19
C VAL A 150 4.18 8.52 -9.97
N ILE A 151 4.27 8.60 -11.30
CA ILE A 151 3.96 7.44 -12.14
C ILE A 151 4.80 6.23 -11.71
N ALA A 152 6.11 6.43 -11.61
CA ALA A 152 7.02 5.34 -11.28
C ALA A 152 6.71 4.75 -9.91
N VAL A 153 6.26 5.58 -8.96
CA VAL A 153 5.89 5.05 -7.66
C VAL A 153 4.50 4.42 -7.70
N ASP A 154 3.58 4.99 -8.50
CA ASP A 154 2.25 4.40 -8.61
C ASP A 154 2.32 3.03 -9.31
N ARG A 155 3.12 2.93 -10.38
CA ARG A 155 3.36 1.64 -11.02
C ARG A 155 4.11 0.67 -10.12
N TYR A 156 4.74 1.16 -9.03
CA TYR A 156 5.34 0.21 -8.11
C TYR A 156 4.31 -0.37 -7.16
N PHE A 157 3.39 0.44 -6.67
CA PHE A 157 2.31 -0.10 -5.87
C PHE A 157 1.30 -0.87 -6.71
N ALA A 158 1.41 -0.84 -8.04
CA ALA A 158 0.56 -1.62 -8.92
C ALA A 158 1.13 -3.00 -9.19
N ILE A 159 2.46 -3.13 -9.29
CA ILE A 159 3.08 -4.42 -9.60
C ILE A 159 3.37 -5.23 -8.34
N THR A 160 3.00 -4.73 -7.16
CA THR A 160 3.11 -5.47 -5.92
C THR A 160 1.75 -5.86 -5.37
N SER A 161 0.70 -5.72 -6.17
CA SER A 161 -0.67 -5.98 -5.76
C SER A 161 -1.17 -7.08 -6.70
N PRO A 162 -2.30 -7.78 -6.40
CA PRO A 162 -2.66 -8.97 -7.19
C PRO A 162 -2.70 -8.74 -8.69
N PHE A 163 -3.51 -7.79 -9.15
CA PHE A 163 -3.48 -7.39 -10.55
C PHE A 163 -2.23 -6.55 -10.76
N LYS A 164 -1.25 -7.09 -11.49
CA LYS A 164 0.08 -6.49 -11.54
C LYS A 164 0.10 -5.07 -12.11
N TYR A 165 -1.01 -4.60 -12.70
CA TYR A 165 -1.03 -3.32 -13.40
C TYR A 165 -2.20 -2.45 -12.94
N GLN A 166 -2.73 -2.68 -11.76
CA GLN A 166 -3.84 -1.91 -11.22
C GLN A 166 -3.31 -0.89 -10.22
N SER A 167 -3.54 0.39 -10.49
CA SER A 167 -3.25 1.42 -9.52
C SER A 167 -4.05 1.17 -8.25
N LEU A 168 -3.44 1.46 -7.10
CA LEU A 168 -4.19 1.39 -5.85
C LEU A 168 -4.94 2.68 -5.56
N LEU A 169 -4.92 3.64 -6.48
CA LEU A 169 -5.52 4.95 -6.28
C LEU A 169 -6.91 5.02 -6.92
N THR A 170 -7.79 5.78 -6.26
CA THR A 170 -9.05 6.19 -6.87
C THR A 170 -8.77 7.19 -7.98
N LYS A 171 -9.74 7.36 -8.88
CA LYS A 171 -9.67 8.47 -9.83
C LYS A 171 -9.61 9.80 -9.10
N ASN A 172 -10.47 9.97 -8.09
CA ASN A 172 -10.51 11.23 -7.35
C ASN A 172 -9.22 11.45 -6.58
N LYS A 173 -8.73 10.42 -5.89
CA LYS A 173 -7.44 10.52 -5.22
C LYS A 173 -6.33 10.76 -6.22
N ALA A 174 -6.45 10.18 -7.43
CA ALA A 174 -5.45 10.43 -8.45
C ALA A 174 -5.38 11.90 -8.84
N ARG A 175 -6.52 12.60 -8.80
CA ARG A 175 -6.57 13.96 -9.30
C ARG A 175 -6.50 15.03 -8.21
N VAL A 176 -6.58 14.66 -6.93
CA VAL A 176 -6.12 15.61 -5.92
C VAL A 176 -4.61 15.56 -5.81
N ILE A 177 -4.00 14.41 -6.05
CA ILE A 177 -2.55 14.31 -6.12
C ILE A 177 -2.02 15.18 -7.25
N ILE A 178 -2.75 15.26 -8.37
CA ILE A 178 -2.33 16.11 -9.47
C ILE A 178 -2.42 17.58 -9.08
N LEU A 179 -3.57 17.98 -8.53
CA LEU A 179 -3.73 19.35 -8.03
C LEU A 179 -2.61 19.70 -7.06
N MET A 180 -2.31 18.79 -6.13
CA MET A 180 -1.23 19.03 -5.18
C MET A 180 0.09 19.26 -5.89
N VAL A 181 0.44 18.39 -6.82
CA VAL A 181 1.73 18.50 -7.51
C VAL A 181 1.85 19.86 -8.17
N TRP A 182 0.77 20.37 -8.75
CA TRP A 182 0.85 21.68 -9.41
C TRP A 182 0.94 22.81 -8.39
N ILE A 183 0.13 22.76 -7.33
CA ILE A 183 0.25 23.73 -6.25
C ILE A 183 1.67 23.76 -5.71
N VAL A 184 2.15 22.60 -5.24
CA VAL A 184 3.48 22.53 -4.65
C VAL A 184 4.54 22.98 -5.65
N SER A 185 4.49 22.46 -6.88
CA SER A 185 5.51 22.82 -7.87
C SER A 185 5.49 24.31 -8.16
N GLY A 186 4.29 24.92 -8.15
CA GLY A 186 4.21 26.35 -8.38
C GLY A 186 4.82 27.16 -7.26
N LEU A 187 4.57 26.75 -6.01
CA LEU A 187 5.10 27.48 -4.87
C LEU A 187 6.61 27.30 -4.69
N THR A 188 7.19 26.25 -5.26
CA THR A 188 8.63 26.08 -5.28
C THR A 188 9.27 26.57 -6.57
N SER A 189 8.52 27.33 -7.37
CA SER A 189 9.04 27.88 -8.62
C SER A 189 8.68 29.35 -8.73
N PHE A 190 7.38 29.67 -8.66
CA PHE A 190 6.97 31.07 -8.74
C PHE A 190 7.46 31.86 -7.54
N LEU A 191 7.31 31.31 -6.34
CA LEU A 191 7.64 32.08 -5.13
C LEU A 191 9.10 32.52 -5.09
N PRO A 192 10.11 31.66 -5.30
CA PRO A 192 11.49 32.16 -5.21
C PRO A 192 11.88 33.14 -6.29
N ILE A 193 11.17 33.20 -7.41
CA ILE A 193 11.48 34.18 -8.46
C ILE A 193 10.67 35.46 -8.28
N GLN A 194 9.36 35.34 -8.08
CA GLN A 194 8.55 36.52 -7.86
C GLN A 194 8.94 37.25 -6.58
N MET A 195 9.53 36.55 -5.61
CA MET A 195 10.07 37.13 -4.39
C MET A 195 11.55 37.49 -4.51
N HIS A 196 12.15 37.33 -5.69
CA HIS A 196 13.51 37.75 -6.01
C HIS A 196 14.57 36.96 -5.26
N TRP A 197 14.25 35.80 -4.69
CA TRP A 197 15.25 34.99 -4.00
C TRP A 197 16.29 34.43 -4.96
N TYR A 198 16.02 34.42 -6.26
CA TYR A 198 17.00 33.93 -7.22
C TYR A 198 18.08 34.96 -7.51
N ARG A 199 17.85 36.22 -7.17
CA ARG A 199 18.61 37.33 -7.73
C ARG A 199 20.09 37.25 -7.35
N ALA A 200 20.95 37.48 -8.33
CA ALA A 200 22.37 37.59 -8.09
C ALA A 200 22.73 38.99 -7.63
N THR A 201 23.96 39.15 -7.15
CA THR A 201 24.42 40.44 -6.66
C THR A 201 25.64 40.98 -7.40
N HIS A 202 26.14 40.28 -8.41
CA HIS A 202 27.19 40.86 -9.23
C HIS A 202 26.61 41.94 -10.15
N GLN A 203 27.50 42.74 -10.73
CA GLN A 203 27.07 43.97 -11.37
C GLN A 203 26.28 43.68 -12.65
N GLU A 204 26.66 42.64 -13.39
CA GLU A 204 25.97 42.32 -14.64
C GLU A 204 24.52 41.96 -14.39
N ALA A 205 24.27 41.06 -13.44
CA ALA A 205 22.90 40.79 -13.02
C ALA A 205 22.16 42.07 -12.71
N ILE A 206 22.77 42.93 -11.88
CA ILE A 206 22.12 44.16 -11.44
C ILE A 206 21.76 45.04 -12.63
N ASN A 207 22.65 45.10 -13.62
CA ASN A 207 22.40 45.95 -14.79
C ASN A 207 21.36 45.32 -15.71
N CYS A 208 21.36 43.99 -15.82
CA CYS A 208 20.35 43.31 -16.62
C CYS A 208 18.98 43.37 -15.95
N TYR A 209 18.94 43.24 -14.62
CA TYR A 209 17.69 43.39 -13.89
C TYR A 209 17.06 44.75 -14.13
N ALA A 210 17.87 45.77 -14.46
CA ALA A 210 17.40 47.13 -14.62
C ALA A 210 17.00 47.47 -16.05
N GLU A 211 17.51 46.75 -17.03
CA GLU A 211 17.11 46.96 -18.42
C GLU A 211 15.80 46.24 -18.69
N GLU A 212 14.79 46.99 -19.13
CA GLU A 212 13.56 46.41 -19.64
C GLU A 212 13.80 45.53 -20.85
N THR A 213 15.00 45.60 -21.43
CA THR A 213 15.30 44.97 -22.69
C THR A 213 16.28 43.82 -22.53
N CYS A 214 16.58 43.45 -21.28
CA CYS A 214 17.46 42.34 -20.96
C CYS A 214 16.70 41.38 -20.06
N CYS A 215 16.67 40.11 -20.44
CA CYS A 215 15.98 39.09 -19.65
C CYS A 215 16.83 37.83 -19.59
N ASP A 216 18.09 37.99 -19.21
CA ASP A 216 18.89 36.82 -18.87
C ASP A 216 18.53 36.37 -17.46
N PHE A 217 18.76 35.10 -17.18
CA PHE A 217 18.36 34.52 -15.90
C PHE A 217 19.56 34.39 -14.97
N PHE A 218 20.15 35.54 -14.66
CA PHE A 218 21.23 35.58 -13.69
C PHE A 218 20.72 35.15 -12.32
N THR A 219 21.43 34.22 -11.69
CA THR A 219 20.99 33.61 -10.44
C THR A 219 22.13 33.58 -9.44
N ASN A 220 21.79 33.61 -8.15
CA ASN A 220 22.81 33.47 -7.13
C ASN A 220 23.18 32.00 -6.97
N GLN A 221 24.46 31.76 -6.63
CA GLN A 221 24.98 30.39 -6.67
C GLN A 221 24.20 29.45 -5.76
N ALA A 222 23.59 29.99 -4.69
CA ALA A 222 22.80 29.14 -3.80
C ALA A 222 21.50 28.69 -4.47
N TYR A 223 20.81 29.61 -5.16
CA TYR A 223 19.56 29.24 -5.80
C TYR A 223 19.78 28.25 -6.93
N ALA A 224 20.86 28.42 -7.70
CA ALA A 224 21.11 27.56 -8.85
C ALA A 224 21.27 26.10 -8.41
N ILE A 225 21.87 25.88 -7.25
CA ILE A 225 22.09 24.52 -6.77
C ILE A 225 20.90 24.01 -5.96
N ALA A 226 20.34 24.86 -5.09
CA ALA A 226 19.20 24.43 -4.28
C ALA A 226 17.94 24.23 -5.12
N SER A 227 17.87 24.83 -6.32
CA SER A 227 16.73 24.57 -7.20
C SER A 227 16.94 23.30 -8.01
N SER A 228 18.07 23.20 -8.71
CA SER A 228 18.38 22.00 -9.49
C SER A 228 18.25 20.73 -8.66
N ILE A 229 18.63 20.80 -7.39
CA ILE A 229 18.56 19.61 -6.54
C ILE A 229 17.12 19.29 -6.18
N VAL A 230 16.41 20.25 -5.57
CA VAL A 230 15.08 19.96 -5.05
C VAL A 230 14.07 19.79 -6.18
N SER A 231 14.25 20.51 -7.28
CA SER A 231 13.28 20.48 -8.36
C SER A 231 13.57 19.44 -9.42
N PHE A 232 14.83 19.00 -9.55
CA PHE A 232 15.20 18.08 -10.62
C PHE A 232 15.85 16.81 -10.08
N TYR A 233 17.03 16.90 -9.46
CA TYR A 233 17.80 15.70 -9.16
C TYR A 233 17.07 14.78 -8.19
N VAL A 234 16.46 15.34 -7.15
CA VAL A 234 15.78 14.55 -6.13
C VAL A 234 14.67 13.73 -6.78
N PRO A 235 13.73 14.33 -7.52
CA PRO A 235 12.73 13.47 -8.19
C PRO A 235 13.34 12.62 -9.29
N LEU A 236 14.47 13.04 -9.87
CA LEU A 236 15.11 12.25 -10.91
C LEU A 236 15.58 10.91 -10.38
N VAL A 237 16.34 10.91 -9.29
CA VAL A 237 16.96 9.67 -8.84
C VAL A 237 15.98 8.83 -8.02
N ILE A 238 14.98 9.44 -7.39
CA ILE A 238 13.88 8.64 -6.85
C ILE A 238 13.20 7.89 -7.98
N MET A 239 12.99 8.56 -9.11
CA MET A 239 12.37 7.93 -10.27
C MET A 239 13.24 6.82 -10.84
N VAL A 240 14.51 7.14 -11.15
CA VAL A 240 15.41 6.15 -11.74
C VAL A 240 15.60 4.96 -10.80
N PHE A 241 15.50 5.18 -9.50
CA PHE A 241 15.64 4.07 -8.57
C PHE A 241 14.35 3.26 -8.46
N VAL A 242 13.24 3.93 -8.16
CA VAL A 242 11.98 3.23 -7.88
C VAL A 242 11.50 2.48 -9.12
N TYR A 243 11.65 3.09 -10.31
CA TYR A 243 11.10 2.45 -11.50
C TYR A 243 11.95 1.28 -11.98
N SER A 244 13.27 1.34 -11.78
CA SER A 244 14.10 0.20 -12.16
C SER A 244 13.74 -1.05 -11.38
N ARG A 245 13.17 -0.88 -10.19
CA ARG A 245 12.67 -2.02 -9.43
C ARG A 245 11.25 -2.39 -9.83
N VAL A 246 10.54 -1.50 -10.51
CA VAL A 246 9.29 -1.88 -11.16
C VAL A 246 9.58 -2.77 -12.35
N PHE A 247 10.63 -2.45 -13.11
CA PHE A 247 10.97 -3.22 -14.29
C PHE A 247 11.40 -4.63 -13.93
N GLN A 248 12.18 -4.79 -12.86
CA GLN A 248 12.70 -6.11 -12.56
C GLN A 248 11.70 -6.97 -11.80
N GLU A 249 10.85 -6.37 -10.97
CA GLU A 249 9.76 -7.14 -10.36
C GLU A 249 8.78 -7.64 -11.42
N ALA A 250 8.71 -6.97 -12.57
CA ALA A 250 7.93 -7.50 -13.70
C ALA A 250 8.62 -8.72 -14.29
N LYS A 251 9.87 -8.55 -14.74
CA LYS A 251 10.65 -9.68 -15.23
C LYS A 251 10.85 -10.75 -14.17
N ARG A 252 10.73 -10.38 -12.89
CA ARG A 252 10.78 -11.39 -11.83
C ARG A 252 9.51 -12.23 -11.79
N GLN A 253 8.35 -11.58 -11.82
CA GLN A 253 7.07 -12.25 -11.59
C GLN A 253 6.56 -13.03 -12.80
N LEU A 254 7.35 -13.14 -13.86
CA LEU A 254 6.97 -13.93 -15.03
C LEU A 254 6.80 -15.41 -14.67
N LYS A 287 13.13 -9.60 -22.69
CA LYS A 287 11.83 -9.57 -21.98
C LYS A 287 10.84 -8.69 -22.76
N PHE A 288 9.80 -8.18 -22.12
CA PHE A 288 8.87 -7.25 -22.76
C PHE A 288 8.14 -7.91 -23.92
N CYS A 289 7.27 -8.85 -23.58
CA CYS A 289 6.41 -9.53 -24.54
C CYS A 289 4.93 -9.43 -24.20
N LEU A 290 4.57 -9.52 -22.92
CA LEU A 290 3.19 -9.24 -22.53
C LEU A 290 2.82 -7.82 -22.95
N LYS A 291 1.53 -7.58 -23.17
CA LYS A 291 1.11 -6.24 -23.59
C LYS A 291 1.39 -5.21 -22.51
N GLU A 292 0.96 -5.48 -21.28
CA GLU A 292 1.13 -4.51 -20.22
C GLU A 292 2.59 -4.28 -19.89
N HIS A 293 3.42 -5.33 -20.01
CA HIS A 293 4.84 -5.20 -19.73
C HIS A 293 5.55 -4.35 -20.78
N LYS A 294 4.95 -4.22 -21.97
CA LYS A 294 5.42 -3.23 -22.93
C LYS A 294 4.92 -1.82 -22.58
N ALA A 295 3.76 -1.73 -21.92
CA ALA A 295 3.30 -0.43 -21.43
C ALA A 295 4.27 0.13 -20.39
N LEU A 296 4.74 -0.72 -19.48
CA LEU A 296 5.76 -0.30 -18.52
C LEU A 296 7.02 0.14 -19.23
N LYS A 297 7.41 -0.57 -20.29
CA LYS A 297 8.56 -0.13 -21.09
C LYS A 297 8.28 1.22 -21.75
N THR A 298 7.04 1.45 -22.17
CA THR A 298 6.71 2.73 -22.81
C THR A 298 6.87 3.89 -21.83
N LEU A 299 6.38 3.71 -20.60
CA LEU A 299 6.62 4.71 -19.57
C LEU A 299 8.12 4.90 -19.34
N GLY A 300 8.85 3.79 -19.23
CA GLY A 300 10.29 3.89 -19.05
C GLY A 300 10.98 4.68 -20.16
N ILE A 301 10.44 4.63 -21.37
CA ILE A 301 11.02 5.42 -22.44
C ILE A 301 10.72 6.90 -22.25
N ILE A 302 9.50 7.22 -21.82
CA ILE A 302 9.14 8.60 -21.51
C ILE A 302 10.15 9.19 -20.53
N MET A 303 10.30 8.55 -19.38
CA MET A 303 11.33 8.94 -18.42
C MET A 303 12.70 8.90 -19.08
N GLY A 304 12.96 7.84 -19.85
CA GLY A 304 14.29 7.68 -20.43
C GLY A 304 14.72 8.83 -21.30
N THR A 305 13.82 9.30 -22.18
CA THR A 305 14.15 10.45 -23.00
C THR A 305 14.19 11.73 -22.17
N PHE A 306 13.18 11.93 -21.31
CA PHE A 306 13.12 13.12 -20.48
C PHE A 306 14.43 13.36 -19.76
N THR A 307 14.95 12.32 -19.09
CA THR A 307 16.26 12.41 -18.46
C THR A 307 17.31 12.86 -19.46
N LEU A 308 17.45 12.13 -20.56
CA LEU A 308 18.52 12.42 -21.51
C LEU A 308 18.37 13.80 -22.14
N CYS A 309 17.14 14.31 -22.27
CA CYS A 309 16.98 15.62 -22.89
C CYS A 309 17.33 16.74 -21.93
N TRP A 310 16.95 16.62 -20.67
CA TRP A 310 17.14 17.69 -19.69
C TRP A 310 18.40 17.52 -18.85
N LEU A 311 19.07 16.38 -18.92
CA LEU A 311 20.22 16.14 -18.05
C LEU A 311 21.48 16.89 -18.50
N PRO A 312 21.82 16.95 -19.79
CA PRO A 312 22.99 17.76 -20.18
C PRO A 312 22.87 19.22 -19.77
N PHE A 313 21.68 19.82 -19.94
CA PHE A 313 21.48 21.19 -19.46
C PHE A 313 21.75 21.28 -17.96
N PHE A 314 21.25 20.33 -17.19
CA PHE A 314 21.34 20.44 -15.74
C PHE A 314 22.72 20.07 -15.21
N ILE A 315 23.52 19.32 -15.97
CA ILE A 315 24.89 19.05 -15.55
C ILE A 315 25.77 20.27 -15.77
N VAL A 316 25.70 20.88 -16.97
CA VAL A 316 26.51 22.06 -17.23
C VAL A 316 26.07 23.23 -16.38
N ASN A 317 24.83 23.21 -15.89
CA ASN A 317 24.42 24.23 -14.94
C ASN A 317 25.24 24.10 -13.66
N ILE A 318 25.43 22.87 -13.19
CA ILE A 318 26.11 22.69 -11.91
C ILE A 318 27.62 22.91 -12.07
N VAL A 319 28.19 22.55 -13.21
CA VAL A 319 29.64 22.67 -13.36
C VAL A 319 30.05 24.14 -13.46
N HIS A 320 29.20 24.95 -14.08
CA HIS A 320 29.47 26.39 -14.16
C HIS A 320 29.31 27.05 -12.80
N VAL A 321 28.22 26.76 -12.11
CA VAL A 321 27.92 27.42 -10.85
C VAL A 321 29.03 27.16 -9.82
N ILE A 322 29.50 25.92 -9.75
CA ILE A 322 30.48 25.57 -8.72
C ILE A 322 31.85 26.13 -9.07
N GLN A 323 32.32 25.89 -10.29
CA GLN A 323 33.66 26.29 -10.68
C GLN A 323 33.66 27.74 -11.14
N ASP A 324 33.61 27.96 -12.45
CA ASP A 324 33.61 29.30 -13.01
C ASP A 324 32.91 29.25 -14.36
N ASN A 325 32.80 30.43 -15.00
CA ASN A 325 32.15 30.54 -16.30
C ASN A 325 32.99 29.92 -17.41
N LEU A 326 33.16 28.60 -17.36
CA LEU A 326 33.77 27.87 -18.47
C LEU A 326 32.75 27.42 -19.49
N ILE A 327 31.46 27.61 -19.21
CA ILE A 327 30.38 27.28 -20.14
C ILE A 327 30.01 28.53 -20.92
N ARG A 328 29.99 28.42 -22.23
CA ARG A 328 29.52 29.51 -23.07
C ARG A 328 28.01 29.65 -22.92
N LYS A 329 27.46 30.75 -23.43
CA LYS A 329 26.02 30.94 -23.32
C LYS A 329 25.27 30.37 -24.52
N GLU A 330 25.93 30.27 -25.68
CA GLU A 330 25.30 29.61 -26.82
C GLU A 330 25.25 28.11 -26.63
N VAL A 331 26.16 27.54 -25.84
CA VAL A 331 26.05 26.12 -25.53
C VAL A 331 25.03 25.90 -24.41
N TYR A 332 24.92 26.83 -23.47
CA TYR A 332 23.89 26.71 -22.44
C TYR A 332 22.51 26.89 -23.05
N ILE A 333 22.39 27.77 -24.05
CA ILE A 333 21.07 28.01 -24.63
C ILE A 333 20.66 26.87 -25.57
N LEU A 334 21.64 26.14 -26.13
CA LEU A 334 21.30 25.00 -26.97
C LEU A 334 20.93 23.78 -26.13
N LEU A 335 21.73 23.49 -25.10
CA LEU A 335 21.40 22.40 -24.19
C LEU A 335 20.05 22.62 -23.53
N ASN A 336 19.66 23.89 -23.35
CA ASN A 336 18.33 24.17 -22.82
C ASN A 336 17.25 23.82 -23.84
N TRP A 337 17.48 24.16 -25.11
CA TRP A 337 16.47 23.87 -26.13
C TRP A 337 16.31 22.37 -26.40
N ILE A 338 17.27 21.54 -25.97
CA ILE A 338 17.08 20.10 -26.07
C ILE A 338 15.94 19.66 -25.15
N GLY A 339 15.94 20.15 -23.91
CA GLY A 339 14.80 19.90 -23.04
C GLY A 339 13.54 20.58 -23.51
N TYR A 340 13.67 21.57 -24.40
CA TYR A 340 12.49 22.27 -24.90
C TYR A 340 11.72 21.41 -25.89
N VAL A 341 12.43 20.82 -26.87
CA VAL A 341 11.77 19.98 -27.86
C VAL A 341 11.28 18.66 -27.29
N ASN A 342 11.74 18.31 -26.08
CA ASN A 342 11.22 17.13 -25.40
C ASN A 342 9.71 17.18 -25.26
N SER A 343 9.15 18.38 -25.10
CA SER A 343 7.70 18.51 -24.89
C SER A 343 6.90 17.96 -26.06
N GLY A 344 7.48 17.96 -27.26
CA GLY A 344 6.82 17.40 -28.42
C GLY A 344 7.11 15.94 -28.68
N PHE A 345 7.83 15.25 -27.78
CA PHE A 345 8.26 13.88 -28.02
C PHE A 345 7.34 12.83 -27.41
N ASN A 346 6.83 13.06 -26.20
CA ASN A 346 5.94 12.08 -25.57
C ASN A 346 4.84 11.57 -26.51
N PRO A 347 4.04 12.43 -27.16
CA PRO A 347 2.92 11.91 -27.97
C PRO A 347 3.29 10.84 -28.98
N LEU A 348 4.51 10.84 -29.51
CA LEU A 348 4.88 9.79 -30.45
C LEU A 348 5.49 8.56 -29.79
N ILE A 349 6.08 8.71 -28.59
CA ILE A 349 6.41 7.52 -27.82
C ILE A 349 5.13 6.76 -27.50
N TYR A 350 4.01 7.48 -27.41
CA TYR A 350 2.71 6.88 -27.09
C TYR A 350 2.20 6.01 -28.22
N CYS A 351 2.64 6.25 -29.46
CA CYS A 351 2.25 5.39 -30.57
C CYS A 351 2.76 3.97 -30.40
N ARG A 352 3.68 3.74 -29.46
CA ARG A 352 4.05 2.37 -29.11
C ARG A 352 2.86 1.59 -28.58
N SER A 353 2.04 2.23 -27.78
CA SER A 353 0.87 1.54 -27.23
C SER A 353 -0.17 1.36 -28.32
N PRO A 354 -0.68 0.14 -28.52
CA PRO A 354 -1.82 -0.02 -29.44
C PRO A 354 -3.03 0.77 -29.02
N ASP A 355 -3.16 1.06 -27.72
CA ASP A 355 -4.34 1.76 -27.21
C ASP A 355 -4.37 3.21 -27.70
N PHE A 356 -3.26 3.95 -27.51
CA PHE A 356 -3.22 5.32 -27.99
C PHE A 356 -3.22 5.38 -29.50
N ARG A 357 -2.57 4.40 -30.14
CA ARG A 357 -2.41 4.45 -31.59
C ARG A 357 -3.75 4.27 -32.31
N ILE A 358 -4.61 3.38 -31.82
CA ILE A 358 -5.94 3.28 -32.41
C ILE A 358 -6.80 4.46 -31.98
N ALA A 359 -6.55 5.02 -30.80
CA ALA A 359 -7.29 6.21 -30.37
C ALA A 359 -6.94 7.40 -31.24
N PHE A 360 -5.63 7.62 -31.47
CA PHE A 360 -5.20 8.70 -32.34
C PHE A 360 -5.74 8.51 -33.76
N GLN A 361 -5.75 7.26 -34.24
CA GLN A 361 -6.21 6.98 -35.59
C GLN A 361 -7.68 7.31 -35.78
N GLU A 362 -8.48 7.23 -34.72
CA GLU A 362 -9.88 7.65 -34.82
C GLU A 362 -10.02 9.16 -34.67
N LEU A 363 -9.17 9.77 -33.84
CA LEU A 363 -9.21 11.21 -33.66
C LEU A 363 -8.76 11.96 -34.91
N LEU A 364 -7.93 11.34 -35.75
CA LEU A 364 -7.28 12.02 -36.87
C LEU A 364 -7.89 11.63 -38.22
N CYS A 365 -9.16 11.21 -38.24
CA CYS A 365 -9.91 10.97 -39.47
C CYS A 365 -9.42 9.72 -40.19
N LEU A 366 -8.90 8.73 -39.47
CA LEU A 366 -8.32 7.56 -40.12
C LEU A 366 -8.98 6.24 -39.70
N ILE A 391 4.63 -19.65 -16.07
CA ILE A 391 4.20 -20.47 -17.19
C ILE A 391 2.88 -19.96 -17.75
N PHE A 392 1.95 -19.57 -16.86
CA PHE A 392 0.66 -19.06 -17.27
C PHE A 392 0.82 -17.93 -18.30
N GLU A 393 1.57 -16.91 -17.93
CA GLU A 393 1.83 -15.83 -18.89
C GLU A 393 2.97 -16.17 -19.85
N MET A 394 3.82 -17.15 -19.52
CA MET A 394 4.85 -17.56 -20.46
C MET A 394 4.24 -18.21 -21.72
N LEU A 395 3.30 -19.13 -21.53
CA LEU A 395 2.67 -19.79 -22.67
C LEU A 395 1.77 -18.84 -23.43
N ARG A 396 1.09 -17.92 -22.72
CA ARG A 396 0.27 -16.92 -23.38
C ARG A 396 1.08 -16.10 -24.38
N ILE A 397 2.36 -15.85 -24.10
CA ILE A 397 3.22 -15.21 -25.09
C ILE A 397 3.54 -16.16 -26.24
N ASP A 398 3.95 -17.38 -25.91
CA ASP A 398 4.43 -18.32 -26.92
C ASP A 398 3.28 -18.96 -27.69
N GLU A 399 2.11 -19.12 -27.05
CA GLU A 399 0.98 -19.70 -27.77
C GLU A 399 0.25 -18.66 -28.60
N GLY A 400 -0.03 -17.51 -28.00
CA GLY A 400 -0.96 -16.56 -28.56
C GLY A 400 -2.34 -16.76 -27.98
N LEU A 401 -3.30 -16.02 -28.54
CA LEU A 401 -4.70 -16.19 -28.14
C LEU A 401 -5.58 -15.87 -29.33
N ARG A 402 -6.41 -16.83 -29.73
CA ARG A 402 -7.33 -16.68 -30.84
C ARG A 402 -8.70 -17.18 -30.42
N LEU A 403 -9.73 -16.41 -30.76
CA LEU A 403 -11.09 -16.73 -30.34
C LEU A 403 -11.85 -17.53 -31.38
N LYS A 404 -11.21 -17.95 -32.46
CA LYS A 404 -11.84 -18.76 -33.49
C LYS A 404 -10.94 -19.95 -33.79
N ILE A 405 -11.56 -21.06 -34.20
CA ILE A 405 -10.80 -22.27 -34.51
C ILE A 405 -9.78 -21.98 -35.60
N TYR A 406 -8.53 -22.33 -35.33
CA TYR A 406 -7.45 -22.16 -36.30
C TYR A 406 -6.63 -23.44 -36.38
N LYS A 407 -5.68 -23.46 -37.30
CA LYS A 407 -4.82 -24.62 -37.54
C LYS A 407 -3.41 -24.31 -37.07
N ASP A 408 -2.84 -25.19 -36.26
CA ASP A 408 -1.50 -24.96 -35.73
C ASP A 408 -0.45 -25.21 -36.83
N THR A 409 0.82 -25.24 -36.44
CA THR A 409 1.89 -25.43 -37.42
C THR A 409 1.77 -26.77 -38.13
N GLU A 410 1.36 -27.81 -37.41
CA GLU A 410 1.27 -29.16 -37.94
C GLU A 410 -0.09 -29.45 -38.58
N GLY A 411 -0.99 -28.48 -38.63
CA GLY A 411 -2.27 -28.64 -39.29
C GLY A 411 -3.41 -29.08 -38.41
N TYR A 412 -3.23 -29.14 -37.10
CA TYR A 412 -4.28 -29.59 -36.19
C TYR A 412 -5.15 -28.42 -35.76
N TYR A 413 -6.44 -28.67 -35.59
CA TYR A 413 -7.35 -27.61 -35.21
C TYR A 413 -7.16 -27.27 -33.73
N THR A 414 -6.98 -25.97 -33.46
CA THR A 414 -6.64 -25.44 -32.16
C THR A 414 -7.47 -24.18 -31.93
N ILE A 415 -7.69 -23.84 -30.66
CA ILE A 415 -8.46 -22.64 -30.31
C ILE A 415 -7.92 -22.10 -29.00
N GLY A 416 -8.22 -20.82 -28.74
CA GLY A 416 -7.85 -20.23 -27.46
C GLY A 416 -6.35 -20.00 -27.34
N ILE A 417 -5.81 -20.37 -26.20
CA ILE A 417 -4.36 -20.23 -25.96
C ILE A 417 -3.77 -21.60 -26.23
N GLY A 418 -3.61 -21.90 -27.52
CA GLY A 418 -2.96 -23.13 -27.97
C GLY A 418 -3.62 -24.41 -27.51
N HIS A 419 -4.94 -24.39 -27.35
CA HIS A 419 -5.67 -25.56 -26.86
C HIS A 419 -6.01 -26.48 -28.03
N LEU A 420 -5.40 -27.66 -28.06
CA LEU A 420 -5.71 -28.63 -29.10
C LEU A 420 -7.16 -29.08 -28.98
N LEU A 421 -7.84 -29.19 -30.13
CA LEU A 421 -9.24 -29.60 -30.16
C LEU A 421 -9.40 -31.05 -30.56
N THR A 422 -8.81 -31.47 -31.68
CA THR A 422 -8.81 -32.87 -32.04
C THR A 422 -7.72 -33.13 -33.07
N LYS A 423 -7.12 -34.31 -32.98
CA LYS A 423 -6.25 -34.84 -34.02
C LYS A 423 -7.00 -35.13 -35.31
N SER A 424 -8.33 -35.27 -35.25
CA SER A 424 -9.10 -35.54 -36.43
C SER A 424 -9.04 -34.36 -37.41
N PRO A 425 -9.11 -34.64 -38.72
CA PRO A 425 -9.10 -33.57 -39.72
C PRO A 425 -10.48 -33.03 -40.11
N SER A 426 -11.56 -33.54 -39.53
CA SER A 426 -12.90 -33.07 -39.87
C SER A 426 -13.25 -31.90 -38.95
N LEU A 427 -13.36 -30.71 -39.54
CA LEU A 427 -13.69 -29.51 -38.78
C LEU A 427 -14.94 -29.70 -37.92
N ASN A 428 -15.87 -30.56 -38.36
CA ASN A 428 -17.06 -30.80 -37.56
C ASN A 428 -16.72 -31.52 -36.27
N ALA A 429 -15.71 -32.39 -36.28
CA ALA A 429 -15.25 -33.00 -35.04
C ALA A 429 -14.62 -31.97 -34.12
N ALA A 430 -13.87 -31.02 -34.68
CA ALA A 430 -13.27 -29.96 -33.88
C ALA A 430 -14.35 -29.12 -33.21
N LYS A 431 -15.39 -28.74 -33.95
CA LYS A 431 -16.48 -27.98 -33.36
C LYS A 431 -17.23 -28.80 -32.32
N SER A 432 -17.41 -30.10 -32.57
CA SER A 432 -18.15 -30.94 -31.62
C SER A 432 -17.39 -31.10 -30.31
N GLU A 433 -16.07 -31.33 -30.39
CA GLU A 433 -15.26 -31.37 -29.18
C GLU A 433 -15.29 -30.03 -28.46
N LEU A 434 -15.20 -28.93 -29.22
CA LEU A 434 -15.20 -27.60 -28.62
C LEU A 434 -16.50 -27.31 -27.90
N ASP A 435 -17.64 -27.74 -28.46
CA ASP A 435 -18.91 -27.53 -27.78
C ASP A 435 -18.99 -28.35 -26.49
N LYS A 436 -18.45 -29.57 -26.51
CA LYS A 436 -18.43 -30.37 -25.30
C LYS A 436 -17.52 -29.75 -24.25
N ALA A 437 -16.41 -29.16 -24.69
CA ALA A 437 -15.47 -28.54 -23.75
C ALA A 437 -16.05 -27.27 -23.13
N ILE A 438 -16.74 -26.45 -23.93
CA ILE A 438 -17.25 -25.18 -23.44
C ILE A 438 -18.63 -25.33 -22.81
N GLY A 439 -19.44 -26.29 -23.28
CA GLY A 439 -20.76 -26.45 -22.74
C GLY A 439 -21.83 -25.61 -23.40
N ARG A 440 -21.68 -25.31 -24.68
CA ARG A 440 -22.68 -24.62 -25.48
C ARG A 440 -22.29 -24.79 -26.93
N ASN A 441 -23.18 -24.37 -27.84
CA ASN A 441 -22.94 -24.52 -29.28
C ASN A 441 -22.13 -23.32 -29.77
N THR A 442 -20.82 -23.51 -29.88
CA THR A 442 -19.93 -22.40 -30.21
C THR A 442 -19.94 -22.06 -31.69
N ASN A 443 -20.09 -23.07 -32.55
CA ASN A 443 -19.88 -22.93 -33.99
C ASN A 443 -18.48 -22.38 -34.30
N GLY A 444 -17.49 -22.83 -33.53
CA GLY A 444 -16.10 -22.55 -33.83
C GLY A 444 -15.54 -21.31 -33.16
N VAL A 445 -16.36 -20.52 -32.47
CA VAL A 445 -15.92 -19.27 -31.86
C VAL A 445 -16.28 -19.27 -30.38
N ILE A 446 -15.38 -18.75 -29.56
CA ILE A 446 -15.54 -18.68 -28.11
C ILE A 446 -15.19 -17.28 -27.63
N THR A 447 -15.32 -17.06 -26.33
CA THR A 447 -14.97 -15.79 -25.71
C THR A 447 -13.62 -15.90 -24.99
N LYS A 448 -13.02 -14.74 -24.71
CA LYS A 448 -11.72 -14.74 -24.04
C LYS A 448 -11.82 -15.34 -22.64
N ASP A 449 -12.94 -15.11 -21.96
CA ASP A 449 -13.15 -15.72 -20.65
C ASP A 449 -13.18 -17.24 -20.75
N GLU A 450 -13.85 -17.77 -21.77
CA GLU A 450 -13.90 -19.21 -21.97
C GLU A 450 -12.55 -19.73 -22.45
N ALA A 451 -11.85 -18.95 -23.28
CA ALA A 451 -10.61 -19.44 -23.89
C ALA A 451 -9.54 -19.69 -22.83
N GLU A 452 -9.44 -18.82 -21.82
CA GLU A 452 -8.45 -19.02 -20.76
C GLU A 452 -8.99 -19.77 -19.57
N LYS A 453 -10.32 -19.93 -19.46
CA LYS A 453 -10.84 -20.99 -18.61
C LYS A 453 -10.34 -22.35 -19.09
N LEU A 454 -10.35 -22.55 -20.41
CA LEU A 454 -9.75 -23.74 -20.99
C LEU A 454 -8.24 -23.75 -20.78
N PHE A 455 -7.59 -22.61 -21.01
CA PHE A 455 -6.13 -22.53 -20.86
C PHE A 455 -5.68 -22.89 -19.46
N ASN A 456 -6.40 -22.42 -18.44
CA ASN A 456 -6.05 -22.79 -17.07
C ASN A 456 -6.17 -24.29 -16.88
N GLN A 457 -7.20 -24.90 -17.46
CA GLN A 457 -7.34 -26.35 -17.40
C GLN A 457 -6.26 -27.05 -18.21
N ASP A 458 -5.92 -26.53 -19.39
CA ASP A 458 -4.95 -27.20 -20.24
C ASP A 458 -3.54 -27.14 -19.68
N VAL A 459 -3.22 -26.11 -18.88
CA VAL A 459 -1.90 -26.05 -18.26
C VAL A 459 -1.81 -27.08 -17.13
N ASP A 460 -2.90 -27.22 -16.36
CA ASP A 460 -2.96 -28.24 -15.32
C ASP A 460 -2.66 -29.62 -15.88
N ALA A 461 -3.09 -29.88 -17.12
CA ALA A 461 -2.78 -31.16 -17.76
C ALA A 461 -1.28 -31.32 -17.95
N ALA A 462 -0.65 -30.35 -18.61
CA ALA A 462 0.76 -30.47 -18.99
C ALA A 462 1.69 -30.68 -17.79
N VAL A 463 1.24 -30.35 -16.58
CA VAL A 463 2.06 -30.63 -15.40
C VAL A 463 1.75 -32.02 -14.84
N ARG A 464 0.48 -32.41 -14.79
CA ARG A 464 0.14 -33.74 -14.30
C ARG A 464 0.59 -34.82 -15.26
N GLY A 465 0.54 -34.56 -16.57
CA GLY A 465 1.01 -35.49 -17.57
C GLY A 465 2.51 -35.67 -17.60
N ILE A 466 3.25 -34.84 -16.89
CA ILE A 466 4.69 -35.04 -16.73
C ILE A 466 5.02 -35.56 -15.33
N LEU A 467 4.09 -35.44 -14.37
CA LEU A 467 4.23 -36.11 -13.09
C LEU A 467 4.25 -37.64 -13.24
N ARG A 468 3.71 -38.15 -14.34
CA ARG A 468 3.41 -39.57 -14.48
C ARG A 468 4.18 -40.23 -15.63
N ASN A 469 5.19 -39.58 -16.19
CA ASN A 469 5.79 -40.01 -17.45
C ASN A 469 7.24 -40.44 -17.26
N ALA A 470 7.44 -41.73 -16.96
CA ALA A 470 8.73 -42.41 -17.03
C ALA A 470 9.88 -41.62 -16.40
N LYS A 471 11.03 -41.59 -17.09
CA LYS A 471 12.19 -40.85 -16.61
C LYS A 471 12.05 -39.35 -16.78
N LEU A 472 10.94 -38.85 -17.30
CA LEU A 472 10.77 -37.43 -17.56
C LEU A 472 10.20 -36.66 -16.36
N LYS A 473 9.99 -37.33 -15.22
CA LYS A 473 9.68 -36.65 -13.97
C LYS A 473 10.97 -36.27 -13.24
N PRO A 474 11.97 -37.16 -13.13
CA PRO A 474 13.23 -36.75 -12.46
C PRO A 474 13.91 -35.55 -13.12
N VAL A 475 13.83 -35.40 -14.44
CA VAL A 475 14.43 -34.22 -15.07
C VAL A 475 13.66 -32.96 -14.68
N TYR A 476 12.35 -33.10 -14.45
CA TYR A 476 11.54 -31.94 -14.04
C TYR A 476 12.02 -31.36 -12.72
N ASP A 477 12.22 -32.21 -11.72
CA ASP A 477 12.71 -31.74 -10.42
C ASP A 477 14.22 -31.56 -10.39
N SER A 478 14.94 -32.00 -11.43
CA SER A 478 16.36 -31.71 -11.53
C SER A 478 16.61 -30.26 -11.92
N LEU A 479 15.61 -29.58 -12.46
CA LEU A 479 15.74 -28.22 -12.95
C LEU A 479 15.02 -27.25 -12.02
N ASP A 480 15.31 -25.96 -12.22
CA ASP A 480 14.77 -24.87 -11.43
C ASP A 480 13.44 -24.38 -12.01
N ALA A 481 12.83 -23.42 -11.32
CA ALA A 481 11.49 -22.97 -11.69
C ALA A 481 11.46 -22.37 -13.09
N VAL A 482 12.53 -21.67 -13.49
CA VAL A 482 12.55 -21.01 -14.79
C VAL A 482 12.78 -22.00 -15.93
N ARG A 483 13.37 -23.17 -15.66
CA ARG A 483 13.49 -24.21 -16.66
C ARG A 483 12.39 -25.26 -16.58
N ARG A 484 11.73 -25.38 -15.42
CA ARG A 484 10.53 -26.21 -15.33
C ARG A 484 9.47 -25.73 -16.31
N ALA A 485 9.23 -24.41 -16.33
CA ALA A 485 8.29 -23.84 -17.28
C ALA A 485 8.78 -23.97 -18.72
N ALA A 486 10.09 -23.89 -18.93
CA ALA A 486 10.64 -24.06 -20.28
C ALA A 486 10.45 -25.47 -20.81
N LEU A 487 10.16 -26.45 -19.94
CA LEU A 487 9.84 -27.80 -20.39
C LEU A 487 8.35 -28.08 -20.38
N ILE A 488 7.62 -27.54 -19.40
CA ILE A 488 6.16 -27.57 -19.43
C ILE A 488 5.66 -26.92 -20.70
N ASN A 489 6.40 -25.93 -21.23
CA ASN A 489 6.08 -25.35 -22.52
C ASN A 489 6.21 -26.38 -23.63
N MET A 490 7.34 -27.09 -23.67
CA MET A 490 7.53 -28.12 -24.68
C MET A 490 6.48 -29.23 -24.58
N VAL A 491 6.12 -29.61 -23.34
CA VAL A 491 5.03 -30.57 -23.16
C VAL A 491 3.73 -29.99 -23.68
N PHE A 492 3.36 -28.80 -23.18
CA PHE A 492 2.15 -28.13 -23.63
C PHE A 492 2.04 -28.09 -25.16
N GLN A 493 3.17 -27.86 -25.83
CA GLN A 493 3.17 -27.80 -27.29
C GLN A 493 3.12 -29.19 -27.90
N MET A 494 3.76 -30.18 -27.27
CA MET A 494 3.93 -31.50 -27.88
C MET A 494 3.57 -32.68 -26.98
N GLY A 495 3.07 -32.45 -25.78
CA GLY A 495 2.74 -33.53 -24.87
C GLY A 495 3.98 -34.19 -24.29
N GLU A 496 3.74 -35.18 -23.44
CA GLU A 496 4.81 -36.08 -23.03
C GLU A 496 5.13 -37.10 -24.11
N THR A 497 4.57 -36.92 -25.31
CA THR A 497 4.84 -37.80 -26.44
C THR A 497 6.22 -37.53 -27.04
N GLY A 498 6.45 -36.28 -27.45
CA GLY A 498 7.66 -35.95 -28.17
C GLY A 498 8.81 -35.44 -27.31
N VAL A 499 8.49 -34.66 -26.27
CA VAL A 499 9.55 -34.14 -25.41
C VAL A 499 10.18 -35.27 -24.61
N ALA A 500 9.42 -36.33 -24.35
CA ALA A 500 10.00 -37.57 -23.85
C ALA A 500 10.66 -38.37 -24.95
N GLY A 501 10.48 -37.98 -26.20
CA GLY A 501 11.03 -38.71 -27.33
C GLY A 501 12.32 -38.14 -27.86
N PHE A 502 13.07 -37.42 -27.02
CA PHE A 502 14.43 -37.00 -27.38
C PHE A 502 15.24 -36.96 -26.08
N THR A 503 15.59 -38.15 -25.59
CA THR A 503 16.29 -38.30 -24.32
C THR A 503 17.73 -37.82 -24.40
N ASN A 504 18.25 -37.58 -25.61
CA ASN A 504 19.62 -37.06 -25.75
C ASN A 504 19.79 -35.77 -24.97
N SER A 505 18.86 -34.82 -25.14
CA SER A 505 18.93 -33.56 -24.41
C SER A 505 18.40 -33.69 -22.99
N LEU A 506 17.45 -34.61 -22.77
CA LEU A 506 16.87 -34.80 -21.45
C LEU A 506 17.94 -35.21 -20.45
N ARG A 507 18.79 -36.17 -20.83
CA ARG A 507 19.94 -36.49 -19.99
C ARG A 507 20.91 -35.32 -19.93
N MET A 508 21.09 -34.62 -21.06
CA MET A 508 21.96 -33.46 -21.10
C MET A 508 21.47 -32.38 -20.12
N LEU A 509 20.15 -32.26 -19.98
CA LEU A 509 19.58 -31.28 -19.05
C LEU A 509 19.69 -31.77 -17.60
N GLN A 510 19.46 -33.06 -17.37
CA GLN A 510 19.63 -33.61 -16.03
C GLN A 510 21.07 -33.43 -15.55
N GLN A 511 22.05 -33.72 -16.41
CA GLN A 511 23.46 -33.54 -16.10
C GLN A 511 23.89 -32.07 -16.12
N LYS A 512 22.93 -31.14 -16.20
CA LYS A 512 23.16 -29.70 -16.23
C LYS A 512 24.04 -29.25 -17.40
N ARG A 513 24.25 -30.11 -18.39
CA ARG A 513 25.01 -29.76 -19.59
C ARG A 513 24.08 -29.00 -20.54
N TRP A 514 23.91 -27.72 -20.25
CA TRP A 514 22.91 -26.89 -20.93
C TRP A 514 23.41 -26.32 -22.26
N ASP A 515 24.67 -25.91 -22.31
CA ASP A 515 25.25 -25.49 -23.58
C ASP A 515 25.16 -26.59 -24.61
N GLU A 516 25.14 -27.85 -24.17
CA GLU A 516 24.95 -28.98 -25.06
C GLU A 516 23.47 -29.23 -25.31
N ALA A 517 22.66 -29.22 -24.26
CA ALA A 517 21.22 -29.40 -24.42
C ALA A 517 20.63 -28.39 -25.38
N ALA A 518 21.23 -27.19 -25.46
CA ALA A 518 20.71 -26.14 -26.32
C ALA A 518 21.11 -26.30 -27.78
N VAL A 519 22.19 -27.02 -28.07
CA VAL A 519 22.55 -27.27 -29.46
C VAL A 519 21.73 -28.43 -30.03
N ASN A 520 21.42 -29.43 -29.20
CA ASN A 520 20.60 -30.55 -29.65
C ASN A 520 19.20 -30.10 -30.04
N LEU A 521 18.54 -29.34 -29.16
CA LEU A 521 17.21 -28.83 -29.44
C LEU A 521 17.18 -27.81 -30.58
N ALA A 522 18.34 -27.28 -30.98
CA ALA A 522 18.42 -26.42 -32.15
C ALA A 522 18.44 -27.21 -33.46
N LYS A 523 18.70 -28.52 -33.39
CA LYS A 523 18.60 -29.39 -34.55
C LYS A 523 17.33 -30.22 -34.54
N SER A 524 16.67 -30.35 -33.39
CA SER A 524 15.45 -31.15 -33.27
C SER A 524 14.45 -30.77 -34.35
N ARG A 525 13.66 -31.76 -34.78
CA ARG A 525 12.60 -31.53 -35.76
C ARG A 525 11.67 -30.41 -35.33
N TRP A 526 11.50 -30.23 -34.02
CA TRP A 526 10.66 -29.16 -33.50
C TRP A 526 11.26 -27.79 -33.77
N TYR A 527 12.59 -27.68 -33.86
CA TYR A 527 13.22 -26.39 -34.07
C TYR A 527 12.84 -25.79 -35.43
N ASN A 528 12.81 -26.60 -36.47
CA ASN A 528 12.63 -26.08 -37.82
C ASN A 528 11.19 -25.74 -38.15
N GLN A 529 10.22 -26.14 -37.32
CA GLN A 529 8.82 -25.81 -37.57
C GLN A 529 8.39 -24.52 -36.86
N THR A 530 8.85 -24.32 -35.62
CA THR A 530 8.55 -23.09 -34.86
C THR A 530 9.85 -22.46 -34.40
N PRO A 531 10.67 -21.97 -35.33
CA PRO A 531 12.05 -21.59 -34.97
C PRO A 531 12.14 -20.53 -33.89
N ASN A 532 11.28 -19.52 -33.94
CA ASN A 532 11.41 -18.40 -33.01
C ASN A 532 10.98 -18.79 -31.60
N ARG A 533 9.80 -19.44 -31.47
CA ARG A 533 9.44 -19.96 -30.17
C ARG A 533 10.37 -21.08 -29.73
N ALA A 534 11.04 -21.75 -30.68
CA ALA A 534 12.01 -22.77 -30.33
C ALA A 534 13.20 -22.17 -29.59
N LYS A 535 13.69 -21.02 -30.06
CA LYS A 535 14.89 -20.45 -29.45
C LYS A 535 14.60 -19.60 -28.23
N ARG A 536 13.40 -19.03 -28.11
CA ARG A 536 13.06 -18.36 -26.86
C ARG A 536 13.06 -19.33 -25.69
N VAL A 537 12.54 -20.54 -25.92
CA VAL A 537 12.53 -21.54 -24.85
C VAL A 537 13.87 -22.25 -24.76
N ILE A 538 14.61 -22.37 -25.86
CA ILE A 538 15.97 -22.89 -25.79
C ILE A 538 16.85 -21.96 -24.95
N THR A 539 16.70 -20.65 -25.13
CA THR A 539 17.46 -19.72 -24.31
C THR A 539 17.02 -19.77 -22.86
N THR A 540 15.71 -19.88 -22.62
CA THR A 540 15.23 -20.06 -21.25
C THR A 540 15.84 -21.30 -20.61
N PHE A 541 16.19 -22.30 -21.43
CA PHE A 541 16.87 -23.49 -20.96
C PHE A 541 18.35 -23.22 -20.71
N ARG A 542 19.02 -22.58 -21.67
CA ARG A 542 20.46 -22.37 -21.56
C ARG A 542 20.79 -21.39 -20.44
N THR A 543 20.28 -20.17 -20.53
CA THR A 543 20.64 -19.11 -19.60
C THR A 543 19.88 -19.19 -18.27
N GLY A 544 18.89 -20.08 -18.15
CA GLY A 544 18.10 -20.20 -16.93
C GLY A 544 17.48 -18.91 -16.45
N THR A 545 17.03 -18.05 -17.36
CA THR A 545 16.50 -16.74 -17.03
C THR A 545 15.32 -16.40 -17.93
N TRP A 546 14.64 -15.31 -17.58
CA TRP A 546 13.52 -14.81 -18.35
C TRP A 546 13.94 -13.88 -19.49
N ASP A 547 15.21 -13.91 -19.88
CA ASP A 547 15.76 -12.90 -20.78
C ASP A 547 14.99 -12.80 -22.10
N ALA A 548 14.32 -13.86 -22.52
CA ALA A 548 13.71 -13.89 -23.84
C ALA A 548 12.21 -13.61 -23.82
N TYR A 549 11.64 -13.27 -22.67
CA TYR A 549 10.19 -13.16 -22.57
C TYR A 549 9.71 -11.80 -22.11
N ASP B 53 18.05 39.42 43.03
CA ASP B 53 17.58 38.51 42.00
C ASP B 53 18.45 37.25 41.95
N GLU B 54 19.51 37.22 42.77
CA GLU B 54 20.32 36.02 42.86
C GLU B 54 19.52 34.83 43.37
N VAL B 55 18.43 35.08 44.10
CA VAL B 55 17.50 34.00 44.44
C VAL B 55 16.87 33.42 43.18
N TRP B 56 16.48 34.29 42.25
CA TRP B 56 15.91 33.82 40.99
C TRP B 56 16.92 33.00 40.20
N VAL B 57 18.19 33.42 40.21
CA VAL B 57 19.23 32.75 39.42
C VAL B 57 19.39 31.30 39.87
N VAL B 58 19.64 31.09 41.16
CA VAL B 58 19.86 29.74 41.65
C VAL B 58 18.59 28.91 41.56
N GLY B 59 17.44 29.51 41.87
CA GLY B 59 16.19 28.77 41.82
C GLY B 59 15.83 28.30 40.42
N MET B 60 16.04 29.15 39.42
CA MET B 60 15.83 28.72 38.05
C MET B 60 16.88 27.70 37.63
N GLY B 61 18.11 27.83 38.15
CA GLY B 61 19.12 26.84 37.86
C GLY B 61 18.69 25.43 38.23
N ILE B 62 18.09 25.28 39.41
CA ILE B 62 17.65 23.94 39.84
C ILE B 62 16.50 23.44 38.97
N VAL B 63 15.59 24.34 38.58
CA VAL B 63 14.46 23.93 37.76
C VAL B 63 14.92 23.51 36.38
N MET B 64 15.68 24.37 35.71
CA MET B 64 16.27 24.04 34.41
C MET B 64 17.10 22.77 34.49
N SER B 65 17.96 22.67 35.51
CA SER B 65 18.77 21.46 35.67
C SER B 65 17.89 20.25 35.90
N LEU B 66 16.80 20.41 36.67
CA LEU B 66 15.83 19.32 36.79
C LEU B 66 15.21 19.00 35.44
N ILE B 67 14.87 20.04 34.68
CA ILE B 67 14.27 19.82 33.35
C ILE B 67 15.23 19.06 32.45
N VAL B 68 16.50 19.49 32.42
CA VAL B 68 17.50 18.82 31.59
C VAL B 68 17.63 17.36 31.98
N LEU B 69 17.57 17.08 33.28
CA LEU B 69 17.71 15.70 33.74
C LEU B 69 16.50 14.87 33.34
N ALA B 70 15.30 15.41 33.53
CA ALA B 70 14.07 14.66 33.19
C ALA B 70 14.05 14.28 31.72
N ILE B 71 14.49 15.19 30.84
CA ILE B 71 14.59 14.87 29.43
C ILE B 71 15.53 13.68 29.23
N VAL B 72 16.77 13.82 29.69
CA VAL B 72 17.77 12.77 29.46
C VAL B 72 17.36 11.48 30.15
N PHE B 73 16.82 11.57 31.38
CA PHE B 73 16.52 10.36 32.13
C PHE B 73 15.43 9.55 31.45
N GLY B 74 14.28 10.17 31.19
CA GLY B 74 13.15 9.44 30.62
C GLY B 74 13.41 8.93 29.22
N ASN B 75 14.06 9.74 28.39
CA ASN B 75 14.28 9.34 27.00
C ASN B 75 15.25 8.18 26.92
N VAL B 76 16.34 8.22 27.69
CA VAL B 76 17.25 7.08 27.74
C VAL B 76 16.52 5.84 28.26
N LEU B 77 15.56 6.05 29.16
CA LEU B 77 14.77 4.92 29.64
C LEU B 77 13.95 4.29 28.51
N VAL B 78 13.49 5.12 27.56
CA VAL B 78 12.77 4.60 26.40
C VAL B 78 13.73 3.89 25.46
N ILE B 79 14.85 4.53 25.13
CA ILE B 79 15.81 3.94 24.19
C ILE B 79 16.32 2.61 24.71
N THR B 80 16.53 2.50 26.03
CA THR B 80 17.00 1.25 26.62
C THR B 80 15.92 0.17 26.56
N ALA B 81 14.67 0.53 26.86
CA ALA B 81 13.61 -0.46 26.90
C ALA B 81 13.36 -1.06 25.51
N ILE B 82 13.35 -0.22 24.47
CA ILE B 82 13.13 -0.76 23.13
C ILE B 82 14.34 -1.56 22.67
N ALA B 83 15.54 -1.19 23.14
CA ALA B 83 16.73 -1.94 22.76
C ALA B 83 16.82 -3.28 23.49
N LYS B 84 16.32 -3.37 24.74
CA LYS B 84 16.36 -4.61 25.49
C LYS B 84 15.43 -5.67 24.94
N PHE B 85 14.13 -5.41 25.06
CA PHE B 85 13.12 -6.45 25.04
C PHE B 85 12.71 -6.77 23.61
N GLU B 86 12.65 -8.06 23.29
CA GLU B 86 12.23 -8.46 21.95
C GLU B 86 10.75 -8.21 21.74
N ARG B 87 9.94 -8.38 22.79
CA ARG B 87 8.53 -8.03 22.76
C ARG B 87 8.28 -6.62 22.23
N LEU B 88 9.27 -5.73 22.33
CA LEU B 88 9.12 -4.33 21.95
C LEU B 88 9.66 -4.02 20.55
N GLN B 89 10.19 -5.00 19.84
CA GLN B 89 10.75 -4.78 18.50
C GLN B 89 9.61 -4.67 17.49
N THR B 90 9.04 -3.47 17.39
CA THR B 90 8.01 -3.16 16.40
C THR B 90 8.42 -1.91 15.63
N VAL B 91 7.96 -1.81 14.38
CA VAL B 91 8.32 -0.68 13.53
C VAL B 91 7.93 0.63 14.20
N THR B 92 6.72 0.69 14.76
CA THR B 92 6.30 1.88 15.48
C THR B 92 7.26 2.20 16.61
N ASN B 93 7.75 1.19 17.32
CA ASN B 93 8.74 1.43 18.37
C ASN B 93 10.05 1.97 17.81
N TYR B 94 10.44 1.55 16.60
CA TYR B 94 11.66 2.07 16.00
C TYR B 94 11.55 3.56 15.70
N PHE B 95 10.37 4.00 15.24
CA PHE B 95 10.16 5.43 15.06
C PHE B 95 10.18 6.15 16.40
N ILE B 96 9.59 5.54 17.42
CA ILE B 96 9.60 6.13 18.76
C ILE B 96 11.03 6.22 19.29
N THR B 97 11.87 5.25 18.93
CA THR B 97 13.26 5.27 19.38
C THR B 97 13.98 6.50 18.83
N SER B 98 13.82 6.77 17.53
CA SER B 98 14.45 7.95 16.96
C SER B 98 13.81 9.23 17.50
N LEU B 99 12.47 9.23 17.65
CA LEU B 99 11.79 10.34 18.29
C LEU B 99 12.41 10.64 19.65
N ALA B 100 12.78 9.59 20.38
CA ALA B 100 13.47 9.79 21.67
C ALA B 100 14.86 10.37 21.46
N CYS B 101 15.56 9.95 20.41
CA CYS B 101 16.88 10.50 20.14
C CYS B 101 16.82 12.00 19.87
N ALA B 102 15.76 12.46 19.20
CA ALA B 102 15.56 13.89 19.02
C ALA B 102 15.43 14.58 20.37
N ASP B 103 14.59 14.04 21.26
CA ASP B 103 14.45 14.64 22.58
C ASP B 103 15.74 14.49 23.40
N LEU B 104 16.50 13.42 23.17
CA LEU B 104 17.74 13.22 23.92
C LEU B 104 18.80 14.25 23.54
N VAL B 105 18.99 14.47 22.23
CA VAL B 105 19.95 15.47 21.79
C VAL B 105 19.49 16.86 22.19
N MET B 106 18.18 17.08 22.28
CA MET B 106 17.66 18.31 22.87
C MET B 106 18.20 18.51 24.28
N GLY B 107 18.01 17.52 25.15
CA GLY B 107 18.42 17.67 26.54
C GLY B 107 19.92 17.74 26.74
N LEU B 108 20.70 17.30 25.75
CA LEU B 108 22.15 17.34 25.90
C LEU B 108 22.75 18.59 25.26
N ALA B 109 22.45 18.80 23.97
CA ALA B 109 23.15 19.79 23.17
C ALA B 109 22.39 21.09 23.00
N VAL B 110 21.15 21.19 23.51
CA VAL B 110 20.35 22.37 23.23
C VAL B 110 19.88 23.03 24.53
N VAL B 111 18.99 22.34 25.27
CA VAL B 111 18.40 22.95 26.46
C VAL B 111 19.44 23.42 27.45
N PRO B 112 20.56 22.71 27.72
CA PRO B 112 21.56 23.25 28.64
C PRO B 112 22.14 24.60 28.23
N PHE B 113 22.68 24.69 27.01
CA PHE B 113 23.28 25.94 26.57
C PHE B 113 22.27 27.08 26.53
N GLY B 114 21.01 26.79 26.24
CA GLY B 114 19.98 27.81 26.32
C GLY B 114 19.64 28.18 27.75
N ALA B 115 19.78 27.24 28.68
CA ALA B 115 19.64 27.57 30.09
C ALA B 115 20.81 28.41 30.57
N ALA B 116 22.03 28.10 30.12
CA ALA B 116 23.18 28.91 30.44
C ALA B 116 23.06 30.30 29.85
N HIS B 117 22.50 30.40 28.64
CA HIS B 117 22.38 31.69 27.98
C HIS B 117 21.49 32.64 28.77
N ILE B 118 20.42 32.12 29.35
CA ILE B 118 19.43 32.99 30.00
C ILE B 118 19.93 33.48 31.36
N LEU B 119 20.31 32.58 32.25
CA LEU B 119 20.70 33.03 33.58
C LEU B 119 22.02 33.80 33.56
N MET B 120 22.87 33.56 32.57
CA MET B 120 24.02 34.44 32.38
C MET B 120 23.69 35.68 31.56
N LYS B 121 22.49 35.74 30.97
CA LYS B 121 22.02 36.92 30.22
C LYS B 121 23.01 37.31 29.12
N MET B 122 23.69 36.32 28.56
CA MET B 122 24.83 36.55 27.69
C MET B 122 25.29 35.20 27.15
N TRP B 123 25.86 35.23 25.93
CA TRP B 123 26.36 34.02 25.29
C TRP B 123 27.84 33.85 25.56
N THR B 124 28.23 32.62 25.92
CA THR B 124 29.55 32.35 26.49
C THR B 124 30.46 31.53 25.59
N PHE B 125 29.91 30.81 24.61
CA PHE B 125 30.62 29.75 23.92
C PHE B 125 31.14 30.17 22.55
N GLY B 126 31.36 31.45 22.33
CA GLY B 126 31.84 31.92 21.04
C GLY B 126 30.76 31.81 19.96
N ASN B 127 31.13 32.26 18.76
CA ASN B 127 30.17 32.33 17.67
C ASN B 127 29.96 30.98 16.98
N PHE B 128 30.97 30.12 16.93
CA PHE B 128 30.86 28.87 16.16
C PHE B 128 29.80 27.95 16.75
N TRP B 129 29.85 27.74 18.07
CA TRP B 129 28.82 26.92 18.71
C TRP B 129 27.45 27.56 18.54
N CYS B 130 27.39 28.89 18.47
CA CYS B 130 26.12 29.58 18.32
C CYS B 130 25.41 29.14 17.05
N GLU B 131 26.13 29.12 15.92
CA GLU B 131 25.53 28.69 14.66
C GLU B 131 25.19 27.21 14.70
N PHE B 132 26.00 26.41 15.40
CA PHE B 132 25.75 24.99 15.55
C PHE B 132 24.64 24.72 16.56
N TRP B 133 24.62 25.46 17.67
CA TRP B 133 23.63 25.24 18.72
C TRP B 133 22.21 25.42 18.20
N THR B 134 22.01 26.38 17.30
CA THR B 134 20.70 26.61 16.74
C THR B 134 20.41 25.75 15.51
N SER B 135 21.43 25.15 14.90
CA SER B 135 21.20 24.19 13.83
C SER B 135 20.77 22.84 14.39
N ILE B 136 21.44 22.38 15.45
CA ILE B 136 20.97 21.18 16.15
C ILE B 136 19.56 21.41 16.70
N ASP B 137 19.30 22.62 17.18
CA ASP B 137 17.95 22.94 17.68
C ASP B 137 16.90 22.72 16.61
N VAL B 138 17.10 23.31 15.42
CA VAL B 138 16.14 23.12 14.35
C VAL B 138 16.14 21.68 13.88
N LEU B 139 17.30 21.03 13.87
CA LEU B 139 17.38 19.66 13.41
C LEU B 139 16.51 18.74 14.27
N CYS B 140 16.53 18.94 15.59
CA CYS B 140 15.72 18.12 16.47
C CYS B 140 14.23 18.37 16.26
N VAL B 141 13.82 19.63 16.18
CA VAL B 141 12.39 19.94 16.07
C VAL B 141 11.83 19.46 14.73
N THR B 142 12.55 19.71 13.63
CA THR B 142 12.05 19.28 12.33
C THR B 142 12.00 17.76 12.23
N ALA B 143 12.98 17.06 12.79
CA ALA B 143 12.99 15.61 12.71
C ALA B 143 11.84 14.99 13.49
N SER B 144 11.43 15.62 14.59
CA SER B 144 10.34 15.08 15.39
C SER B 144 9.01 15.20 14.66
N ILE B 145 8.73 16.37 14.08
CA ILE B 145 7.45 16.57 13.42
C ILE B 145 7.36 15.72 12.15
N GLU B 146 8.48 15.51 11.46
CA GLU B 146 8.46 14.59 10.33
C GLU B 146 8.27 13.16 10.79
N THR B 147 8.98 12.75 11.85
CA THR B 147 8.88 11.38 12.33
C THR B 147 7.50 11.11 12.91
N LEU B 148 6.89 12.11 13.55
CA LEU B 148 5.56 11.92 14.12
C LEU B 148 4.52 11.62 13.05
N CYS B 149 4.71 12.13 11.83
CA CYS B 149 3.74 11.86 10.78
C CYS B 149 4.14 10.66 9.92
N VAL B 150 5.41 10.29 9.87
CA VAL B 150 5.79 9.00 9.31
C VAL B 150 5.21 7.87 10.16
N ILE B 151 4.85 8.17 11.42
CA ILE B 151 4.09 7.22 12.22
C ILE B 151 2.62 7.24 11.81
N ALA B 152 2.04 8.44 11.71
CA ALA B 152 0.63 8.55 11.39
C ALA B 152 0.30 7.93 10.04
N VAL B 153 1.22 8.00 9.08
CA VAL B 153 0.99 7.36 7.79
C VAL B 153 1.20 5.86 7.90
N ASP B 154 2.23 5.44 8.63
CA ASP B 154 2.46 4.01 8.83
C ASP B 154 1.30 3.37 9.58
N ARG B 155 0.72 4.09 10.55
CA ARG B 155 -0.46 3.59 11.23
C ARG B 155 -1.65 3.49 10.30
N TYR B 156 -1.71 4.33 9.26
CA TYR B 156 -2.87 4.32 8.38
C TYR B 156 -2.87 3.08 7.49
N PHE B 157 -1.77 2.83 6.78
CA PHE B 157 -1.70 1.66 5.91
C PHE B 157 -1.87 0.37 6.68
N ALA B 158 -1.70 0.39 8.00
CA ALA B 158 -1.82 -0.78 8.85
C ALA B 158 -3.26 -1.09 9.22
N ILE B 159 -4.07 -0.06 9.49
CA ILE B 159 -5.46 -0.27 9.85
C ILE B 159 -6.32 -0.58 8.64
N THR B 160 -5.76 -0.44 7.44
CA THR B 160 -6.40 -0.88 6.21
C THR B 160 -5.79 -2.19 5.70
N SER B 161 -5.20 -2.97 6.59
CA SER B 161 -4.52 -4.21 6.29
C SER B 161 -5.10 -5.36 7.09
N PRO B 162 -4.88 -6.62 6.69
CA PRO B 162 -5.57 -7.74 7.35
C PRO B 162 -5.45 -7.71 8.86
N PHE B 163 -4.24 -7.65 9.38
CA PHE B 163 -4.02 -7.51 10.82
C PHE B 163 -3.97 -6.02 11.08
N LYS B 164 -5.13 -5.44 11.43
CA LYS B 164 -5.13 -4.08 11.93
C LYS B 164 -4.10 -3.98 13.04
N TYR B 165 -3.31 -2.90 13.01
CA TYR B 165 -2.23 -2.56 13.94
C TYR B 165 -0.90 -3.19 13.53
N GLN B 166 -0.86 -3.95 12.43
CA GLN B 166 0.37 -4.57 11.93
C GLN B 166 0.96 -3.70 10.84
N SER B 167 2.16 -3.15 11.09
CA SER B 167 2.82 -2.34 10.08
C SER B 167 3.17 -3.18 8.86
N LEU B 168 3.18 -2.53 7.70
CA LEU B 168 3.49 -3.16 6.44
C LEU B 168 4.97 -3.07 6.09
N LEU B 169 5.78 -2.55 7.01
CA LEU B 169 7.18 -2.25 6.75
C LEU B 169 8.09 -3.33 7.32
N THR B 170 9.22 -3.53 6.65
CA THR B 170 10.31 -4.33 7.18
C THR B 170 11.04 -3.54 8.26
N LYS B 171 11.58 -4.26 9.24
CA LYS B 171 12.38 -3.62 10.27
C LYS B 171 13.55 -2.84 9.67
N ASN B 172 14.19 -3.40 8.64
CA ASN B 172 15.27 -2.70 7.97
C ASN B 172 14.76 -1.60 7.03
N LYS B 173 13.55 -1.76 6.48
CA LYS B 173 12.96 -0.67 5.72
C LYS B 173 12.65 0.51 6.64
N ALA B 174 12.14 0.23 7.84
CA ALA B 174 11.89 1.28 8.81
C ALA B 174 13.17 1.99 9.22
N ARG B 175 14.28 1.26 9.27
CA ARG B 175 15.57 1.89 9.57
C ARG B 175 15.95 2.90 8.51
N VAL B 176 15.81 2.52 7.22
CA VAL B 176 16.18 3.42 6.13
C VAL B 176 15.34 4.69 6.19
N ILE B 177 14.03 4.55 6.41
CA ILE B 177 13.16 5.71 6.51
C ILE B 177 13.68 6.68 7.56
N ILE B 178 13.99 6.17 8.75
CA ILE B 178 14.54 7.01 9.81
C ILE B 178 15.87 7.62 9.38
N LEU B 179 16.68 6.86 8.65
CA LEU B 179 17.96 7.40 8.20
C LEU B 179 17.75 8.59 7.27
N MET B 180 16.77 8.50 6.38
CA MET B 180 16.51 9.61 5.46
C MET B 180 15.84 10.78 6.15
N VAL B 181 14.94 10.52 7.11
CA VAL B 181 14.32 11.61 7.85
C VAL B 181 15.38 12.48 8.50
N TRP B 182 16.40 11.86 9.10
CA TRP B 182 17.48 12.64 9.68
C TRP B 182 18.37 13.25 8.60
N ILE B 183 18.58 12.52 7.50
CA ILE B 183 19.42 13.04 6.42
C ILE B 183 18.76 14.22 5.72
N VAL B 184 17.42 14.25 5.65
CA VAL B 184 16.74 15.32 4.94
C VAL B 184 16.56 16.52 5.86
N SER B 185 15.90 16.32 7.00
CA SER B 185 15.71 17.41 7.94
C SER B 185 17.03 17.99 8.40
N GLY B 186 18.13 17.23 8.32
CA GLY B 186 19.44 17.80 8.57
C GLY B 186 19.87 18.76 7.48
N LEU B 187 19.60 18.40 6.22
CA LEU B 187 19.91 19.31 5.11
C LEU B 187 19.07 20.58 5.19
N THR B 188 17.75 20.44 5.38
CA THR B 188 16.89 21.61 5.41
C THR B 188 17.01 22.40 6.70
N SER B 189 17.77 21.93 7.70
CA SER B 189 17.93 22.68 8.93
C SER B 189 19.33 23.24 9.13
N PHE B 190 20.36 22.55 8.63
CA PHE B 190 21.73 23.05 8.76
C PHE B 190 22.13 23.96 7.61
N LEU B 191 21.92 23.51 6.38
CA LEU B 191 22.28 24.31 5.20
C LEU B 191 21.74 25.72 5.25
N PRO B 192 20.46 25.98 5.51
CA PRO B 192 20.02 27.38 5.61
C PRO B 192 20.75 28.17 6.69
N ILE B 193 21.22 27.51 7.75
CA ILE B 193 21.88 28.22 8.83
C ILE B 193 23.39 28.30 8.60
N GLN B 194 24.02 27.19 8.25
CA GLN B 194 25.45 27.22 7.97
C GLN B 194 25.79 28.04 6.73
N MET B 195 24.82 28.32 5.87
CA MET B 195 25.04 29.10 4.66
C MET B 195 24.55 30.54 4.77
N HIS B 196 24.03 30.94 5.94
CA HIS B 196 23.64 32.31 6.31
C HIS B 196 22.33 32.75 5.66
N TRP B 197 21.51 31.83 5.14
CA TRP B 197 20.28 32.25 4.46
C TRP B 197 19.30 32.92 5.41
N TYR B 198 19.31 32.53 6.69
CA TYR B 198 18.37 33.10 7.63
C TYR B 198 18.64 34.58 7.88
N ARG B 199 19.88 35.01 7.69
CA ARG B 199 20.37 36.20 8.35
C ARG B 199 19.66 37.47 7.89
N ALA B 200 19.47 38.39 8.82
CA ALA B 200 18.84 39.68 8.57
C ALA B 200 19.90 40.71 8.16
N THR B 201 19.43 41.91 7.81
CA THR B 201 20.33 42.98 7.40
C THR B 201 20.20 44.27 8.21
N HIS B 202 19.39 44.28 9.28
CA HIS B 202 19.37 45.44 10.14
C HIS B 202 20.61 45.44 11.03
N GLN B 203 21.21 46.63 11.20
CA GLN B 203 22.48 46.75 11.90
C GLN B 203 22.44 46.06 13.26
N GLU B 204 21.30 46.13 13.95
CA GLU B 204 21.17 45.43 15.23
C GLU B 204 21.45 43.94 15.10
N ALA B 205 21.17 43.36 13.93
CA ALA B 205 21.58 41.98 13.68
C ALA B 205 23.02 41.90 13.22
N ILE B 206 23.43 42.80 12.31
CA ILE B 206 24.79 42.75 11.76
C ILE B 206 25.83 42.92 12.86
N ASN B 207 25.48 43.67 13.93
CA ASN B 207 26.39 43.79 15.06
C ASN B 207 26.38 42.52 15.91
N CYS B 208 25.19 42.03 16.25
CA CYS B 208 25.09 40.78 17.00
C CYS B 208 25.78 39.64 16.27
N TYR B 209 25.70 39.64 14.93
CA TYR B 209 26.41 38.65 14.14
C TYR B 209 27.92 38.80 14.23
N ALA B 210 28.40 40.00 14.55
CA ALA B 210 29.83 40.27 14.65
C ALA B 210 30.39 39.97 16.03
N GLU B 211 29.64 40.29 17.08
CA GLU B 211 30.10 40.05 18.44
C GLU B 211 29.85 38.60 18.84
N GLU B 212 30.89 37.94 19.35
CA GLU B 212 30.78 36.56 19.81
C GLU B 212 30.16 36.46 21.20
N THR B 213 29.57 37.54 21.69
CA THR B 213 28.85 37.58 22.94
C THR B 213 27.34 37.56 22.75
N CYS B 214 26.85 38.00 21.59
CA CYS B 214 25.44 37.98 21.28
C CYS B 214 25.14 36.81 20.35
N CYS B 215 24.20 35.96 20.74
CA CYS B 215 23.75 34.83 19.95
C CYS B 215 22.24 34.80 19.90
N ASP B 216 21.64 35.91 19.52
CA ASP B 216 20.21 35.99 19.30
C ASP B 216 19.92 35.71 17.84
N PHE B 217 18.80 35.04 17.58
CA PHE B 217 18.53 34.45 16.27
C PHE B 217 17.73 35.44 15.43
N PHE B 218 18.44 36.45 14.94
CA PHE B 218 17.84 37.39 13.99
C PHE B 218 17.71 36.70 12.63
N THR B 219 16.52 36.77 12.04
CA THR B 219 16.29 36.13 10.75
C THR B 219 15.49 37.06 9.84
N ASN B 220 15.87 37.10 8.56
CA ASN B 220 15.02 37.74 7.57
C ASN B 220 13.69 37.00 7.50
N GLN B 221 12.59 37.75 7.36
CA GLN B 221 11.28 37.12 7.49
C GLN B 221 10.99 36.11 6.40
N ALA B 222 11.78 36.09 5.31
CA ALA B 222 11.66 35.03 4.33
C ALA B 222 11.98 33.68 4.95
N TYR B 223 13.14 33.58 5.61
CA TYR B 223 13.48 32.38 6.37
C TYR B 223 12.43 32.10 7.44
N ALA B 224 12.06 33.12 8.21
CA ALA B 224 11.19 32.93 9.37
C ALA B 224 9.88 32.24 8.97
N ILE B 225 9.34 32.57 7.80
CA ILE B 225 8.08 31.97 7.35
C ILE B 225 8.32 30.70 6.56
N ALA B 226 9.20 30.76 5.55
CA ALA B 226 9.47 29.61 4.70
C ALA B 226 9.82 28.39 5.52
N SER B 227 10.85 28.50 6.36
CA SER B 227 11.26 27.38 7.19
C SER B 227 10.16 26.98 8.17
N SER B 228 9.41 27.96 8.70
CA SER B 228 8.33 27.65 9.62
C SER B 228 7.25 26.79 8.97
N ILE B 229 7.07 26.93 7.66
CA ILE B 229 6.01 26.22 6.95
C ILE B 229 6.49 24.84 6.53
N VAL B 230 7.61 24.78 5.80
CA VAL B 230 8.06 23.51 5.23
C VAL B 230 8.38 22.51 6.34
N SER B 231 8.95 22.99 7.45
CA SER B 231 9.45 22.10 8.50
C SER B 231 8.52 21.99 9.70
N PHE B 232 7.42 22.74 9.75
CA PHE B 232 6.47 22.56 10.84
C PHE B 232 5.05 22.40 10.30
N TYR B 233 4.52 23.43 9.64
CA TYR B 233 3.11 23.41 9.28
C TYR B 233 2.80 22.31 8.26
N VAL B 234 3.59 22.21 7.19
CA VAL B 234 3.34 21.19 6.18
C VAL B 234 3.32 19.78 6.77
N PRO B 235 4.33 19.34 7.53
CA PRO B 235 4.20 18.02 8.18
C PRO B 235 3.09 17.97 9.21
N LEU B 236 2.89 19.05 9.97
CA LEU B 236 1.84 19.05 10.99
C LEU B 236 0.47 18.86 10.36
N VAL B 237 0.21 19.51 9.22
CA VAL B 237 -1.11 19.41 8.60
C VAL B 237 -1.32 18.01 8.04
N ILE B 238 -0.32 17.48 7.33
CA ILE B 238 -0.39 16.10 6.84
C ILE B 238 -0.68 15.15 8.00
N MET B 239 0.07 15.29 9.09
CA MET B 239 -0.10 14.42 10.25
C MET B 239 -1.54 14.46 10.77
N VAL B 240 -2.02 15.65 11.10
CA VAL B 240 -3.35 15.79 11.69
C VAL B 240 -4.41 15.23 10.75
N PHE B 241 -4.22 15.36 9.44
CA PHE B 241 -5.18 14.79 8.51
C PHE B 241 -5.05 13.27 8.45
N VAL B 242 -3.85 12.76 8.15
CA VAL B 242 -3.65 11.33 7.98
C VAL B 242 -4.10 10.56 9.22
N TYR B 243 -3.61 10.97 10.39
CA TYR B 243 -3.95 10.23 11.60
C TYR B 243 -5.42 10.35 11.96
N SER B 244 -6.11 11.41 11.50
CA SER B 244 -7.53 11.53 11.80
C SER B 244 -8.33 10.40 11.16
N ARG B 245 -8.03 10.08 9.90
CA ARG B 245 -8.67 8.93 9.28
C ARG B 245 -8.30 7.63 9.99
N VAL B 246 -7.08 7.56 10.52
CA VAL B 246 -6.67 6.39 11.29
C VAL B 246 -7.64 6.14 12.43
N PHE B 247 -7.91 7.19 13.21
CA PHE B 247 -8.86 7.06 14.32
C PHE B 247 -10.24 6.67 13.81
N GLN B 248 -10.66 7.26 12.68
CA GLN B 248 -11.96 6.92 12.12
C GLN B 248 -12.03 5.46 11.70
N GLU B 249 -11.05 5.01 10.90
CA GLU B 249 -11.02 3.63 10.45
C GLU B 249 -10.98 2.66 11.63
N ALA B 250 -10.47 3.10 12.78
CA ALA B 250 -10.36 2.23 13.94
C ALA B 250 -11.73 1.84 14.48
N LYS B 251 -12.67 2.79 14.51
CA LYS B 251 -14.00 2.47 15.02
C LYS B 251 -14.93 1.96 13.93
N ARG B 252 -14.67 2.30 12.66
CA ARG B 252 -15.46 1.73 11.57
C ARG B 252 -15.28 0.22 11.50
N GLN B 253 -14.12 -0.29 11.93
CA GLN B 253 -13.84 -1.71 11.85
C GLN B 253 -13.91 -2.36 13.22
N LYS B 287 -15.82 3.54 21.75
CA LYS B 287 -14.48 3.64 21.18
C LYS B 287 -13.42 3.50 22.27
N PHE B 288 -12.19 3.16 21.86
CA PHE B 288 -11.00 3.28 22.70
C PHE B 288 -11.02 2.31 23.87
N CYS B 289 -11.60 1.12 23.69
CA CYS B 289 -11.58 0.08 24.72
C CYS B 289 -10.62 -1.07 24.42
N LEU B 290 -10.47 -1.47 23.16
CA LEU B 290 -9.50 -2.50 22.81
C LEU B 290 -8.10 -2.03 23.16
N LYS B 291 -7.21 -2.99 23.40
CA LYS B 291 -5.85 -2.67 23.86
C LYS B 291 -5.11 -1.83 22.81
N GLU B 292 -4.98 -2.36 21.59
CA GLU B 292 -4.26 -1.63 20.56
C GLU B 292 -5.01 -0.38 20.12
N HIS B 293 -6.32 -0.31 20.34
CA HIS B 293 -7.02 0.96 20.17
C HIS B 293 -6.54 1.99 21.19
N LYS B 294 -6.49 1.60 22.47
CA LYS B 294 -5.95 2.47 23.50
C LYS B 294 -4.52 2.87 23.17
N ALA B 295 -3.78 2.00 22.46
CA ALA B 295 -2.43 2.34 22.03
C ALA B 295 -2.42 3.46 21.00
N LEU B 296 -3.40 3.44 20.08
CA LEU B 296 -3.47 4.48 19.06
C LEU B 296 -3.84 5.83 19.67
N LYS B 297 -4.69 5.83 20.71
CA LYS B 297 -4.93 7.07 21.44
C LYS B 297 -3.69 7.56 22.18
N THR B 298 -2.77 6.65 22.52
CA THR B 298 -1.50 7.07 23.07
C THR B 298 -0.64 7.72 21.99
N LEU B 299 -0.54 7.07 20.82
CA LEU B 299 0.14 7.71 19.69
C LEU B 299 -0.49 9.06 19.38
N GLY B 300 -1.81 9.17 19.56
CA GLY B 300 -2.45 10.47 19.38
C GLY B 300 -2.00 11.49 20.41
N ILE B 301 -1.90 11.07 21.67
CA ILE B 301 -1.51 12.00 22.73
C ILE B 301 -0.06 12.45 22.54
N ILE B 302 0.80 11.56 22.04
CA ILE B 302 2.16 11.96 21.69
C ILE B 302 2.13 13.10 20.69
N MET B 303 1.37 12.93 19.60
CA MET B 303 1.23 14.00 18.61
C MET B 303 0.58 15.23 19.21
N GLY B 304 -0.51 15.03 19.95
CA GLY B 304 -1.28 16.11 20.54
C GLY B 304 -0.47 17.07 21.39
N THR B 305 0.14 16.56 22.46
CA THR B 305 0.94 17.44 23.33
C THR B 305 2.08 18.10 22.55
N PHE B 306 2.60 17.44 21.53
CA PHE B 306 3.68 18.04 20.74
C PHE B 306 3.19 19.29 20.01
N THR B 307 2.07 19.18 19.31
CA THR B 307 1.55 20.34 18.60
C THR B 307 1.18 21.46 19.57
N LEU B 308 0.59 21.11 20.72
CA LEU B 308 0.17 22.12 21.67
C LEU B 308 1.35 22.87 22.27
N CYS B 309 2.52 22.23 22.38
CA CYS B 309 3.67 22.89 22.99
C CYS B 309 4.45 23.74 22.00
N TRP B 310 4.40 23.41 20.72
CA TRP B 310 5.16 24.14 19.72
C TRP B 310 4.31 25.11 18.89
N LEU B 311 3.00 24.90 18.83
CA LEU B 311 2.16 25.78 18.03
C LEU B 311 2.15 27.22 18.54
N PRO B 312 2.05 27.50 19.85
CA PRO B 312 2.16 28.91 20.28
C PRO B 312 3.45 29.57 19.84
N PHE B 313 4.58 28.86 19.93
CA PHE B 313 5.85 29.41 19.45
C PHE B 313 5.79 29.68 17.95
N PHE B 314 5.26 28.74 17.18
CA PHE B 314 5.24 28.89 15.73
C PHE B 314 4.11 29.78 15.23
N ILE B 315 3.05 29.96 16.02
CA ILE B 315 1.98 30.89 15.62
C ILE B 315 2.44 32.33 15.80
N VAL B 316 2.96 32.65 16.98
CA VAL B 316 3.24 34.04 17.31
C VAL B 316 4.58 34.46 16.71
N ASN B 317 5.13 33.65 15.81
CA ASN B 317 6.32 34.04 15.07
C ASN B 317 6.04 34.33 13.60
N ILE B 318 4.98 33.76 13.01
CA ILE B 318 4.59 34.18 11.68
C ILE B 318 3.73 35.44 11.73
N VAL B 319 3.02 35.65 12.85
CA VAL B 319 2.33 36.92 13.02
C VAL B 319 3.33 38.02 13.36
N HIS B 320 4.37 37.66 14.13
CA HIS B 320 5.41 38.61 14.52
C HIS B 320 6.17 39.14 13.32
N VAL B 321 6.11 38.46 12.18
CA VAL B 321 6.76 38.94 10.96
C VAL B 321 5.73 39.51 10.00
N ILE B 322 4.50 39.01 10.02
CA ILE B 322 3.50 39.55 9.09
C ILE B 322 2.99 40.90 9.60
N GLN B 323 2.80 41.03 10.91
CA GLN B 323 2.57 42.32 11.55
C GLN B 323 3.82 42.64 12.35
N ASP B 324 4.29 43.88 12.24
CA ASP B 324 5.52 44.29 12.91
C ASP B 324 5.46 44.04 14.40
N ASN B 325 6.63 43.91 15.03
CA ASN B 325 6.76 43.19 16.29
C ASN B 325 6.07 43.90 17.45
N LEU B 326 5.11 43.21 18.07
CA LEU B 326 4.67 43.49 19.42
C LEU B 326 5.07 42.35 20.36
N ILE B 327 5.83 41.39 19.84
CA ILE B 327 6.25 40.21 20.60
C ILE B 327 7.55 40.59 21.33
N ARG B 328 7.43 40.83 22.64
CA ARG B 328 8.61 41.12 23.44
C ARG B 328 9.40 39.84 23.70
N LYS B 329 10.72 40.01 23.82
CA LYS B 329 11.62 38.85 23.82
C LYS B 329 11.47 37.98 25.06
N GLU B 330 11.00 38.55 26.18
CA GLU B 330 10.72 37.72 27.35
C GLU B 330 9.66 36.68 27.04
N VAL B 331 8.73 36.98 26.14
CA VAL B 331 7.65 36.06 25.81
C VAL B 331 8.07 35.06 24.74
N TYR B 332 8.86 35.50 23.75
CA TYR B 332 9.25 34.59 22.68
C TYR B 332 10.09 33.43 23.21
N ILE B 333 11.04 33.72 24.12
CA ILE B 333 11.84 32.65 24.70
C ILE B 333 11.05 31.85 25.71
N LEU B 334 9.96 32.41 26.25
CA LEU B 334 9.14 31.65 27.19
C LEU B 334 8.26 30.65 26.46
N LEU B 335 7.64 31.07 25.35
CA LEU B 335 6.85 30.14 24.55
C LEU B 335 7.73 29.09 23.89
N ASN B 336 8.98 29.43 23.63
CA ASN B 336 9.93 28.46 23.12
C ASN B 336 10.29 27.42 24.16
N TRP B 337 10.37 27.81 25.44
CA TRP B 337 10.64 26.85 26.50
C TRP B 337 9.44 25.93 26.75
N ILE B 338 8.24 26.34 26.34
CA ILE B 338 7.13 25.39 26.29
C ILE B 338 7.46 24.28 25.28
N GLY B 339 8.09 24.64 24.16
CA GLY B 339 8.53 23.63 23.22
C GLY B 339 9.67 22.79 23.75
N TYR B 340 10.54 23.38 24.59
CA TYR B 340 11.68 22.63 25.09
C TYR B 340 11.26 21.53 26.05
N VAL B 341 10.26 21.79 26.90
CA VAL B 341 9.89 20.82 27.92
C VAL B 341 9.11 19.66 27.34
N ASN B 342 8.52 19.82 26.15
CA ASN B 342 7.81 18.72 25.49
C ASN B 342 8.72 17.51 25.31
N SER B 343 10.03 17.72 25.27
CA SER B 343 10.97 16.60 25.12
C SER B 343 10.95 15.67 26.33
N GLY B 344 10.50 16.15 27.49
CA GLY B 344 10.34 15.30 28.64
C GLY B 344 8.98 14.66 28.78
N PHE B 345 8.05 15.00 27.89
CA PHE B 345 6.67 14.55 28.03
C PHE B 345 6.47 13.11 27.55
N ASN B 346 7.13 12.74 26.46
CA ASN B 346 6.83 11.45 25.83
C ASN B 346 7.09 10.25 26.74
N PRO B 347 8.23 10.13 27.43
CA PRO B 347 8.39 8.99 28.35
C PRO B 347 7.25 8.87 29.35
N LEU B 348 6.75 9.98 29.89
CA LEU B 348 5.58 9.93 30.76
C LEU B 348 4.37 9.40 30.00
N ILE B 349 4.10 9.95 28.81
CA ILE B 349 2.92 9.55 28.06
C ILE B 349 2.93 8.06 27.77
N TYR B 350 4.12 7.48 27.55
CA TYR B 350 4.24 6.08 27.19
C TYR B 350 3.87 5.15 28.35
N CYS B 351 3.77 5.67 29.58
CA CYS B 351 3.25 4.86 30.67
C CYS B 351 1.76 4.56 30.53
N ARG B 352 1.12 4.99 29.45
CA ARG B 352 -0.26 4.59 29.19
C ARG B 352 -0.32 3.18 28.60
N SER B 353 0.70 2.78 27.87
CA SER B 353 0.78 1.40 27.40
C SER B 353 1.17 0.49 28.56
N PRO B 354 0.43 -0.59 28.82
CA PRO B 354 0.91 -1.58 29.79
C PRO B 354 2.22 -2.23 29.38
N ASP B 355 2.46 -2.35 28.07
CA ASP B 355 3.67 -2.99 27.58
C ASP B 355 4.91 -2.20 27.96
N PHE B 356 4.82 -0.86 27.96
CA PHE B 356 5.98 -0.04 28.27
C PHE B 356 6.24 0.02 29.78
N ARG B 357 5.17 0.07 30.59
CA ARG B 357 5.34 0.12 32.04
C ARG B 357 6.10 -1.10 32.55
N ILE B 358 5.70 -2.29 32.09
CA ILE B 358 6.39 -3.51 32.51
C ILE B 358 7.87 -3.44 32.11
N ALA B 359 8.19 -2.78 30.99
CA ALA B 359 9.57 -2.58 30.62
C ALA B 359 10.26 -1.61 31.58
N PHE B 360 9.60 -0.48 31.87
CA PHE B 360 10.16 0.50 32.78
C PHE B 360 10.36 -0.10 34.17
N GLN B 361 9.34 -0.80 34.68
CA GLN B 361 9.40 -1.37 36.02
C GLN B 361 10.56 -2.36 36.14
N GLU B 362 10.79 -3.18 35.11
CA GLU B 362 11.93 -4.09 35.14
C GLU B 362 13.24 -3.30 35.09
N LEU B 363 13.30 -2.25 34.28
CA LEU B 363 14.52 -1.46 34.13
C LEU B 363 14.92 -0.71 35.39
N LEU B 364 14.04 -0.62 36.38
CA LEU B 364 14.29 0.19 37.57
C LEU B 364 14.22 -0.63 38.86
N CYS B 365 14.44 -1.94 38.79
CA CYS B 365 14.42 -2.83 39.95
C CYS B 365 13.09 -2.76 40.70
N LEU B 366 12.01 -3.02 39.97
CA LEU B 366 10.69 -2.98 40.56
C LEU B 366 9.90 -4.25 40.23
N ASN B 390 -17.26 -4.58 14.46
CA ASN B 390 -16.97 -6.01 14.44
C ASN B 390 -17.56 -6.69 15.67
N ILE B 391 -18.36 -7.73 15.42
CA ILE B 391 -19.09 -8.40 16.49
C ILE B 391 -18.14 -9.09 17.46
N PHE B 392 -17.13 -9.80 16.92
CA PHE B 392 -16.17 -10.51 17.76
C PHE B 392 -15.44 -9.55 18.68
N GLU B 393 -14.92 -8.46 18.11
CA GLU B 393 -14.24 -7.45 18.93
C GLU B 393 -15.17 -6.86 19.98
N MET B 394 -16.43 -6.62 19.61
CA MET B 394 -17.37 -6.01 20.53
C MET B 394 -17.55 -6.85 21.79
N LEU B 395 -17.56 -8.17 21.65
CA LEU B 395 -17.82 -9.03 22.81
C LEU B 395 -16.58 -9.31 23.64
N ARG B 396 -15.39 -9.36 23.02
CA ARG B 396 -14.18 -9.43 23.82
C ARG B 396 -14.06 -8.22 24.74
N ILE B 397 -14.56 -7.06 24.30
CA ILE B 397 -14.49 -5.86 25.11
C ILE B 397 -15.27 -6.02 26.42
N ASP B 398 -16.47 -6.59 26.35
CA ASP B 398 -17.35 -6.63 27.51
C ASP B 398 -17.54 -8.01 28.10
N GLU B 399 -16.96 -9.05 27.50
CA GLU B 399 -16.91 -10.36 28.13
C GLU B 399 -15.58 -10.64 28.82
N GLY B 400 -14.52 -9.93 28.43
CA GLY B 400 -13.18 -10.18 28.95
C GLY B 400 -12.65 -11.53 28.54
N LEU B 401 -11.37 -11.79 28.81
CA LEU B 401 -10.78 -13.09 28.56
C LEU B 401 -10.05 -13.58 29.80
N ARG B 402 -10.29 -14.83 30.17
CA ARG B 402 -9.64 -15.48 31.29
C ARG B 402 -9.36 -16.93 30.90
N LEU B 403 -8.13 -17.38 31.15
CA LEU B 403 -7.68 -18.68 30.67
C LEU B 403 -7.94 -19.82 31.65
N LYS B 404 -8.61 -19.55 32.77
CA LYS B 404 -8.88 -20.57 33.77
C LYS B 404 -10.38 -20.78 33.90
N ILE B 405 -10.84 -21.25 35.05
CA ILE B 405 -12.26 -21.36 35.35
C ILE B 405 -12.59 -20.36 36.46
N TYR B 406 -13.64 -19.57 36.25
CA TYR B 406 -13.97 -18.49 37.17
C TYR B 406 -15.48 -18.41 37.34
N LYS B 407 -15.89 -17.82 38.46
CA LYS B 407 -17.29 -17.57 38.76
C LYS B 407 -17.72 -16.25 38.13
N ASP B 408 -18.85 -16.27 37.41
CA ASP B 408 -19.33 -15.08 36.72
C ASP B 408 -20.34 -14.34 37.61
N THR B 409 -21.04 -13.37 37.02
CA THR B 409 -21.88 -12.47 37.80
C THR B 409 -23.04 -13.21 38.46
N GLU B 410 -23.48 -14.32 37.89
CA GLU B 410 -24.56 -15.11 38.47
C GLU B 410 -24.06 -16.37 39.18
N GLY B 411 -22.74 -16.57 39.24
CA GLY B 411 -22.17 -17.64 40.03
C GLY B 411 -21.80 -18.91 39.29
N TYR B 412 -21.87 -18.92 37.96
CA TYR B 412 -21.65 -20.13 37.19
C TYR B 412 -20.19 -20.27 36.79
N TYR B 413 -19.77 -21.52 36.59
CA TYR B 413 -18.37 -21.82 36.27
C TYR B 413 -18.14 -21.53 34.80
N THR B 414 -17.66 -20.32 34.53
CA THR B 414 -17.38 -19.87 33.18
C THR B 414 -15.88 -19.88 32.90
N ILE B 415 -15.53 -19.63 31.64
CA ILE B 415 -14.14 -19.65 31.20
C ILE B 415 -14.03 -18.90 29.89
N GLY B 416 -12.85 -18.33 29.65
CA GLY B 416 -12.61 -17.67 28.38
C GLY B 416 -13.40 -16.38 28.24
N ILE B 417 -13.97 -16.18 27.05
CA ILE B 417 -14.70 -14.97 26.73
C ILE B 417 -16.19 -15.17 27.00
N GLY B 418 -16.52 -15.51 28.24
CA GLY B 418 -17.90 -15.65 28.66
C GLY B 418 -18.61 -16.90 28.16
N HIS B 419 -17.96 -18.05 28.31
CA HIS B 419 -18.53 -19.34 27.94
C HIS B 419 -18.99 -20.04 29.22
N LEU B 420 -20.29 -20.33 29.30
CA LEU B 420 -20.84 -21.03 30.46
C LEU B 420 -20.51 -22.51 30.33
N LEU B 421 -19.54 -22.98 31.13
CA LEU B 421 -19.15 -24.38 31.07
C LEU B 421 -20.22 -25.28 31.65
N THR B 422 -21.03 -24.76 32.57
CA THR B 422 -22.05 -25.52 33.27
C THR B 422 -22.86 -24.57 34.13
N LYS B 423 -23.97 -25.08 34.65
CA LYS B 423 -24.74 -24.42 35.70
C LYS B 423 -24.58 -25.09 37.06
N SER B 424 -24.06 -26.32 37.09
CA SER B 424 -23.90 -27.05 38.35
C SER B 424 -22.83 -26.40 39.22
N PRO B 425 -22.98 -26.49 40.55
CA PRO B 425 -21.97 -25.89 41.43
C PRO B 425 -20.69 -26.69 41.51
N SER B 426 -20.71 -27.97 41.18
CA SER B 426 -19.51 -28.80 41.25
C SER B 426 -18.53 -28.39 40.16
N LEU B 427 -17.30 -28.04 40.56
CA LEU B 427 -16.27 -27.74 39.58
C LEU B 427 -15.90 -29.00 38.81
N ASN B 428 -16.08 -30.17 39.44
CA ASN B 428 -15.97 -31.44 38.72
C ASN B 428 -16.84 -31.43 37.48
N ALA B 429 -18.04 -30.84 37.57
CA ALA B 429 -18.92 -30.72 36.41
C ALA B 429 -18.51 -29.61 35.45
N ALA B 430 -17.75 -28.61 35.94
CA ALA B 430 -17.22 -27.60 35.04
C ALA B 430 -16.14 -28.18 34.14
N LYS B 431 -15.07 -28.73 34.74
CA LYS B 431 -14.05 -29.42 33.96
C LYS B 431 -14.64 -30.54 33.13
N SER B 432 -15.69 -31.22 33.63
CA SER B 432 -16.26 -32.37 32.93
C SER B 432 -16.48 -32.09 31.45
N GLU B 433 -16.92 -30.88 31.12
CA GLU B 433 -17.13 -30.49 29.74
C GLU B 433 -16.18 -29.41 29.25
N LEU B 434 -15.39 -28.81 30.14
CA LEU B 434 -14.33 -27.92 29.69
C LEU B 434 -13.34 -28.67 28.80
N ASP B 435 -12.94 -29.86 29.22
CA ASP B 435 -12.08 -30.70 28.39
C ASP B 435 -12.86 -31.45 27.31
N LYS B 436 -14.18 -31.55 27.43
CA LYS B 436 -14.97 -32.16 26.39
C LYS B 436 -15.01 -31.33 25.11
N ALA B 437 -14.73 -30.02 25.22
CA ALA B 437 -14.77 -29.11 24.08
C ALA B 437 -13.40 -28.80 23.51
N ILE B 438 -12.37 -28.67 24.36
CA ILE B 438 -11.02 -28.40 23.88
C ILE B 438 -10.51 -29.55 23.03
N GLY B 439 -10.57 -30.76 23.58
CA GLY B 439 -10.02 -31.94 22.93
C GLY B 439 -9.14 -32.76 23.86
N ARG B 440 -8.33 -32.09 24.67
CA ARG B 440 -7.48 -32.72 25.66
C ARG B 440 -8.22 -32.72 27.00
N ASN B 441 -7.50 -32.97 28.09
CA ASN B 441 -8.00 -32.75 29.44
C ASN B 441 -7.28 -31.52 29.99
N THR B 442 -7.95 -30.37 29.96
CA THR B 442 -7.30 -29.11 30.30
C THR B 442 -7.22 -28.89 31.80
N ASN B 443 -8.14 -29.48 32.56
CA ASN B 443 -8.09 -29.44 34.02
C ASN B 443 -8.14 -28.01 34.57
N ILE B 446 -6.94 -23.55 29.91
CA ILE B 446 -6.91 -23.61 28.46
C ILE B 446 -6.04 -22.47 27.92
N THR B 447 -5.46 -22.65 26.74
CA THR B 447 -4.60 -21.64 26.18
C THR B 447 -5.40 -20.44 25.66
N LYS B 448 -4.71 -19.32 25.47
CA LYS B 448 -5.35 -18.14 24.90
C LYS B 448 -5.85 -18.42 23.49
N ASP B 449 -5.16 -19.29 22.76
CA ASP B 449 -5.64 -19.70 21.45
C ASP B 449 -6.82 -20.65 21.55
N GLU B 450 -6.88 -21.46 22.62
CA GLU B 450 -8.06 -22.29 22.85
C GLU B 450 -9.25 -21.45 23.24
N ALA B 451 -9.06 -20.45 24.09
CA ALA B 451 -10.14 -19.52 24.41
C ALA B 451 -10.66 -18.77 23.19
N GLU B 452 -9.83 -18.65 22.14
CA GLU B 452 -10.23 -17.92 20.94
C GLU B 452 -11.19 -18.73 20.08
N LYS B 453 -10.83 -19.97 19.76
CA LYS B 453 -11.69 -20.75 18.87
C LYS B 453 -12.95 -21.28 19.56
N LEU B 454 -12.98 -21.33 20.90
CA LEU B 454 -14.26 -21.57 21.57
C LEU B 454 -15.17 -20.34 21.46
N PHE B 455 -14.60 -19.14 21.38
CA PHE B 455 -15.40 -17.95 21.18
C PHE B 455 -16.00 -17.92 19.78
N ASN B 456 -15.17 -18.15 18.76
CA ASN B 456 -15.65 -18.15 17.38
C ASN B 456 -16.68 -19.24 17.13
N GLN B 457 -16.70 -20.29 17.97
CA GLN B 457 -17.71 -21.33 17.85
C GLN B 457 -18.93 -21.07 18.73
N ASP B 458 -18.78 -20.29 19.80
CA ASP B 458 -19.95 -19.89 20.59
C ASP B 458 -20.74 -18.78 19.91
N VAL B 459 -20.06 -17.89 19.18
CA VAL B 459 -20.76 -16.78 18.53
C VAL B 459 -21.65 -17.29 17.41
N ASP B 460 -21.11 -18.16 16.54
CA ASP B 460 -21.92 -18.71 15.45
C ASP B 460 -23.14 -19.46 15.99
N ALA B 461 -23.00 -20.13 17.14
CA ALA B 461 -24.13 -20.78 17.77
C ALA B 461 -25.21 -19.78 18.15
N ALA B 462 -24.81 -18.57 18.54
CA ALA B 462 -25.76 -17.52 18.88
C ALA B 462 -26.34 -16.83 17.65
N VAL B 463 -25.68 -16.92 16.50
CA VAL B 463 -26.22 -16.32 15.27
C VAL B 463 -27.18 -17.27 14.56
N ARG B 464 -26.84 -18.56 14.49
CA ARG B 464 -27.82 -19.55 14.04
C ARG B 464 -29.00 -19.60 15.00
N GLY B 465 -28.73 -19.54 16.32
CA GLY B 465 -29.77 -19.44 17.32
C GLY B 465 -30.64 -18.21 17.19
N ILE B 466 -30.17 -17.19 16.46
CA ILE B 466 -31.03 -16.06 16.11
C ILE B 466 -31.87 -16.39 14.88
N LEU B 467 -31.32 -17.13 13.92
CA LEU B 467 -32.02 -17.42 12.68
C LEU B 467 -33.02 -18.57 12.80
N ARG B 468 -32.87 -19.43 13.81
CA ARG B 468 -33.83 -20.49 14.07
C ARG B 468 -34.93 -20.06 15.03
N ASN B 469 -35.02 -18.76 15.32
CA ASN B 469 -36.08 -18.18 16.14
C ASN B 469 -36.93 -17.28 15.26
N ALA B 470 -38.21 -17.62 15.11
CA ALA B 470 -39.10 -16.83 14.25
C ALA B 470 -39.47 -15.49 14.85
N LYS B 471 -39.21 -15.26 16.14
CA LYS B 471 -39.45 -13.96 16.75
C LYS B 471 -38.24 -13.04 16.63
N LEU B 472 -37.04 -13.59 16.52
CA LEU B 472 -35.83 -12.80 16.36
C LEU B 472 -35.40 -12.64 14.91
N LYS B 473 -35.50 -13.70 14.09
CA LYS B 473 -35.00 -13.63 12.72
C LYS B 473 -35.55 -12.44 11.93
N PRO B 474 -36.87 -12.17 11.92
CA PRO B 474 -37.34 -10.96 11.22
C PRO B 474 -36.73 -9.67 11.75
N VAL B 475 -36.39 -9.63 13.05
CA VAL B 475 -35.73 -8.45 13.60
C VAL B 475 -34.28 -8.37 13.11
N TYR B 476 -33.53 -9.47 13.27
CA TYR B 476 -32.14 -9.53 12.83
C TYR B 476 -32.02 -9.31 11.32
N ASP B 477 -33.06 -9.62 10.55
CA ASP B 477 -32.99 -9.47 9.10
C ASP B 477 -32.98 -8.01 8.68
N SER B 478 -33.68 -7.14 9.40
CA SER B 478 -33.85 -5.74 9.01
C SER B 478 -32.79 -4.81 9.61
N LEU B 479 -31.93 -5.32 10.49
CA LEU B 479 -30.96 -4.47 11.15
C LEU B 479 -29.71 -4.27 10.28
N ASP B 480 -28.97 -3.21 10.58
CA ASP B 480 -27.72 -2.92 9.90
C ASP B 480 -26.64 -3.88 10.40
N ALA B 481 -25.39 -3.63 10.01
CA ALA B 481 -24.30 -4.46 10.51
C ALA B 481 -24.05 -4.22 12.00
N VAL B 482 -24.19 -2.96 12.44
CA VAL B 482 -23.83 -2.62 13.81
C VAL B 482 -24.89 -3.13 14.78
N ARG B 483 -26.14 -2.74 14.57
CA ARG B 483 -27.20 -3.14 15.51
C ARG B 483 -27.49 -4.63 15.45
N ARG B 484 -27.20 -5.30 14.33
CA ARG B 484 -27.18 -6.76 14.35
C ARG B 484 -26.18 -7.26 15.39
N ALA B 485 -24.96 -6.74 15.34
CA ALA B 485 -23.96 -7.09 16.33
C ALA B 485 -24.45 -6.78 17.74
N ALA B 486 -25.21 -5.70 17.91
CA ALA B 486 -25.80 -5.41 19.22
C ALA B 486 -26.79 -6.49 19.63
N LEU B 487 -27.53 -7.05 18.65
CA LEU B 487 -28.47 -8.13 18.96
C LEU B 487 -27.72 -9.40 19.34
N ILE B 488 -26.67 -9.75 18.60
CA ILE B 488 -25.90 -10.96 18.89
C ILE B 488 -25.23 -10.87 20.24
N ASN B 489 -24.92 -9.65 20.71
CA ASN B 489 -24.34 -9.49 22.04
C ASN B 489 -25.35 -9.83 23.13
N MET B 490 -26.64 -9.58 22.88
CA MET B 490 -27.65 -9.96 23.84
C MET B 490 -27.94 -11.46 23.80
N VAL B 491 -27.99 -12.04 22.60
CA VAL B 491 -28.20 -13.48 22.47
C VAL B 491 -27.01 -14.25 23.03
N PHE B 492 -25.81 -13.66 22.96
CA PHE B 492 -24.63 -14.31 23.55
C PHE B 492 -24.72 -14.31 25.07
N GLN B 493 -25.01 -13.15 25.67
CA GLN B 493 -25.05 -13.01 27.11
C GLN B 493 -26.25 -13.72 27.72
N MET B 494 -27.25 -14.06 26.93
CA MET B 494 -28.52 -14.52 27.49
C MET B 494 -29.08 -15.77 26.81
N GLY B 495 -28.95 -15.88 25.50
CA GLY B 495 -29.65 -16.91 24.77
C GLY B 495 -30.86 -16.36 24.05
N GLU B 496 -31.24 -17.02 22.96
CA GLU B 496 -32.36 -16.54 22.14
C GLU B 496 -33.70 -16.64 22.87
N THR B 497 -33.80 -17.51 23.87
CA THR B 497 -35.05 -17.64 24.62
C THR B 497 -35.33 -16.37 25.42
N GLY B 498 -34.31 -15.82 26.09
CA GLY B 498 -34.48 -14.57 26.81
C GLY B 498 -34.55 -13.36 25.92
N VAL B 499 -33.90 -13.40 24.75
CA VAL B 499 -33.95 -12.28 23.83
C VAL B 499 -35.33 -12.20 23.16
N ALA B 500 -36.02 -13.34 23.02
CA ALA B 500 -37.41 -13.32 22.61
C ALA B 500 -38.34 -12.72 23.68
N GLY B 501 -37.81 -12.36 24.84
CA GLY B 501 -38.60 -11.85 25.95
C GLY B 501 -39.33 -10.56 25.69
N PHE B 502 -38.59 -9.45 25.53
CA PHE B 502 -39.21 -8.15 25.31
C PHE B 502 -39.51 -7.98 23.83
N THR B 503 -40.61 -8.61 23.39
CA THR B 503 -41.13 -8.34 22.05
C THR B 503 -41.38 -6.85 21.84
N ASN B 504 -41.79 -6.16 22.91
CA ASN B 504 -41.99 -4.71 22.83
C ASN B 504 -40.75 -4.01 22.29
N SER B 505 -39.60 -4.26 22.90
CA SER B 505 -38.35 -3.70 22.39
C SER B 505 -37.93 -4.39 21.09
N LEU B 506 -38.19 -5.70 20.97
CA LEU B 506 -37.80 -6.43 19.77
C LEU B 506 -38.48 -5.90 18.52
N ARG B 507 -39.75 -5.50 18.65
CA ARG B 507 -40.45 -4.92 17.50
C ARG B 507 -40.22 -3.43 17.38
N MET B 508 -39.85 -2.75 18.47
CA MET B 508 -39.44 -1.35 18.36
C MET B 508 -38.17 -1.21 17.54
N LEU B 509 -37.23 -2.14 17.70
CA LEU B 509 -36.02 -2.12 16.89
C LEU B 509 -36.34 -2.37 15.42
N GLN B 510 -37.23 -3.34 15.14
CA GLN B 510 -37.63 -3.60 13.77
C GLN B 510 -38.31 -2.40 13.14
N GLN B 511 -39.16 -1.72 13.91
CA GLN B 511 -39.87 -0.54 13.41
C GLN B 511 -38.95 0.66 13.20
N LYS B 512 -37.64 0.51 13.46
CA LYS B 512 -36.65 1.58 13.31
C LYS B 512 -36.94 2.76 14.23
N ARG B 513 -37.59 2.48 15.37
CA ARG B 513 -37.84 3.48 16.41
C ARG B 513 -36.78 3.33 17.50
N TRP B 514 -35.58 3.80 17.18
CA TRP B 514 -34.41 3.53 18.02
C TRP B 514 -34.55 4.18 19.39
N ASP B 515 -34.81 5.49 19.42
CA ASP B 515 -34.94 6.18 20.69
C ASP B 515 -36.01 5.56 21.57
N GLU B 516 -37.09 5.06 20.98
CA GLU B 516 -38.12 4.38 21.76
C GLU B 516 -37.60 3.06 22.31
N ALA B 517 -36.94 2.27 21.47
CA ALA B 517 -36.44 0.97 21.91
C ALA B 517 -35.37 1.11 22.98
N ALA B 518 -34.68 2.24 23.01
CA ALA B 518 -33.60 2.45 23.98
C ALA B 518 -34.12 2.79 25.37
N VAL B 519 -35.34 3.32 25.49
CA VAL B 519 -35.89 3.62 26.81
C VAL B 519 -36.52 2.38 27.44
N ASN B 520 -37.05 1.46 26.62
CA ASN B 520 -37.64 0.24 27.19
C ASN B 520 -36.55 -0.72 27.65
N LEU B 521 -35.45 -0.81 26.92
CA LEU B 521 -34.41 -1.76 27.27
C LEU B 521 -33.74 -1.41 28.60
N ALA B 522 -33.67 -0.12 28.92
CA ALA B 522 -33.05 0.34 30.17
C ALA B 522 -33.94 0.14 31.38
N LYS B 523 -35.13 -0.41 31.22
CA LYS B 523 -35.96 -0.80 32.36
C LYS B 523 -35.90 -2.29 32.65
N SER B 524 -35.32 -3.09 31.75
CA SER B 524 -35.19 -4.51 31.97
C SER B 524 -34.29 -4.80 33.16
N ARG B 525 -34.48 -5.98 33.75
CA ARG B 525 -33.57 -6.45 34.79
C ARG B 525 -32.15 -6.58 34.25
N TRP B 526 -32.03 -6.79 32.93
CA TRP B 526 -30.71 -6.83 32.30
C TRP B 526 -29.95 -5.54 32.51
N TYR B 527 -30.63 -4.39 32.40
CA TYR B 527 -29.95 -3.11 32.45
C TYR B 527 -29.44 -2.75 33.84
N ASN B 528 -29.81 -3.51 34.88
CA ASN B 528 -29.33 -3.20 36.23
C ASN B 528 -28.57 -4.34 36.90
N GLN B 529 -28.51 -5.52 36.28
CA GLN B 529 -27.60 -6.55 36.77
C GLN B 529 -26.22 -6.43 36.11
N THR B 530 -26.17 -5.93 34.88
CA THR B 530 -24.91 -5.57 34.21
C THR B 530 -25.13 -4.23 33.51
N PRO B 531 -25.24 -3.16 34.28
CA PRO B 531 -25.65 -1.87 33.67
C PRO B 531 -24.59 -1.28 32.76
N ASN B 532 -23.32 -1.32 33.14
CA ASN B 532 -22.27 -0.72 32.33
C ASN B 532 -22.21 -1.36 30.96
N ARG B 533 -22.39 -2.68 30.89
CA ARG B 533 -22.40 -3.37 29.60
C ARG B 533 -23.71 -3.17 28.87
N ALA B 534 -24.83 -3.20 29.58
CA ALA B 534 -26.14 -3.02 28.96
C ALA B 534 -26.22 -1.67 28.24
N LYS B 535 -25.78 -0.60 28.92
CA LYS B 535 -25.84 0.74 28.33
C LYS B 535 -25.02 0.82 27.05
N ARG B 536 -23.96 0.02 26.94
CA ARG B 536 -23.16 0.04 25.73
C ARG B 536 -23.88 -0.64 24.57
N VAL B 537 -24.62 -1.72 24.85
CA VAL B 537 -25.39 -2.39 23.79
C VAL B 537 -26.60 -1.55 23.41
N ILE B 538 -27.19 -0.83 24.36
CA ILE B 538 -28.37 -0.03 24.04
C ILE B 538 -27.97 1.24 23.29
N THR B 539 -26.82 1.82 23.65
CA THR B 539 -26.40 3.06 23.00
C THR B 539 -26.00 2.84 21.55
N THR B 540 -25.49 1.64 21.22
CA THR B 540 -25.19 1.35 19.82
C THR B 540 -26.45 1.00 19.03
N PHE B 541 -27.48 0.48 19.71
CA PHE B 541 -28.80 0.39 19.10
C PHE B 541 -29.32 1.77 18.69
N ARG B 542 -29.13 2.77 19.57
CA ARG B 542 -29.66 4.10 19.33
C ARG B 542 -28.98 4.78 18.15
N THR B 543 -27.64 4.72 18.09
CA THR B 543 -26.88 5.52 17.15
C THR B 543 -26.54 4.79 15.87
N GLY B 544 -26.55 3.46 15.87
CA GLY B 544 -26.08 2.69 14.73
C GLY B 544 -24.59 2.73 14.51
N THR B 545 -23.83 3.37 15.41
CA THR B 545 -22.39 3.48 15.32
C THR B 545 -21.75 2.74 16.51
N TRP B 546 -20.43 2.84 16.60
CA TRP B 546 -19.64 2.14 17.60
C TRP B 546 -19.12 3.08 18.69
N ASP B 547 -19.81 4.21 18.90
CA ASP B 547 -19.28 5.27 19.77
C ASP B 547 -18.97 4.78 21.18
N ALA B 548 -19.68 3.75 21.66
CA ALA B 548 -19.50 3.32 23.03
C ALA B 548 -18.52 2.16 23.19
N TYR B 549 -18.04 1.59 22.10
CA TYR B 549 -17.18 0.41 22.17
C TYR B 549 -15.80 0.60 21.56
N VAL C 2 -8.16 -12.65 -13.78
CA VAL C 2 -9.23 -12.49 -12.81
C VAL C 2 -10.42 -13.36 -13.22
N GLN C 3 -11.30 -13.68 -12.27
CA GLN C 3 -12.39 -14.63 -12.52
C GLN C 3 -13.67 -14.17 -11.84
N LEU C 4 -14.80 -14.48 -12.46
CA LEU C 4 -16.11 -14.08 -11.96
C LEU C 4 -17.03 -15.30 -11.84
N GLN C 5 -17.97 -15.24 -10.89
CA GLN C 5 -18.72 -16.42 -10.44
C GLN C 5 -20.15 -16.01 -10.12
N GLU C 6 -21.08 -16.26 -11.04
CA GLU C 6 -22.46 -15.86 -10.83
C GLU C 6 -23.22 -16.87 -9.97
N SER C 7 -24.43 -16.48 -9.56
CA SER C 7 -25.38 -17.33 -8.83
C SER C 7 -26.71 -16.59 -8.74
N GLY C 8 -27.80 -17.36 -8.78
CA GLY C 8 -29.10 -16.84 -8.37
C GLY C 8 -30.20 -16.77 -9.40
N GLY C 9 -30.23 -17.71 -10.36
CA GLY C 9 -31.24 -17.69 -11.43
C GLY C 9 -32.37 -18.68 -11.17
N GLY C 10 -33.62 -18.22 -11.21
CA GLY C 10 -34.74 -19.13 -10.91
C GLY C 10 -35.97 -18.80 -11.74
N LEU C 11 -36.91 -19.75 -11.83
CA LEU C 11 -38.18 -19.49 -12.53
C LEU C 11 -39.10 -18.71 -11.59
N VAL C 12 -39.67 -17.59 -12.05
CA VAL C 12 -40.50 -16.74 -11.19
C VAL C 12 -41.77 -16.40 -11.95
N GLN C 13 -42.90 -16.40 -11.26
CA GLN C 13 -44.12 -15.88 -11.83
C GLN C 13 -43.98 -14.37 -12.05
N ALA C 14 -44.76 -13.84 -13.00
CA ALA C 14 -44.73 -12.41 -13.25
C ALA C 14 -45.01 -11.64 -11.97
N GLY C 15 -44.49 -10.41 -11.90
CA GLY C 15 -44.61 -9.59 -10.71
C GLY C 15 -43.78 -10.06 -9.53
N GLY C 16 -43.18 -11.24 -9.59
CA GLY C 16 -42.34 -11.74 -8.52
C GLY C 16 -41.03 -11.00 -8.42
N SER C 17 -40.04 -11.60 -7.78
CA SER C 17 -38.78 -10.92 -7.56
C SER C 17 -37.71 -11.96 -7.25
N LEU C 18 -36.45 -11.51 -7.33
CA LEU C 18 -35.29 -12.36 -7.08
C LEU C 18 -34.07 -11.44 -7.05
N ARG C 19 -32.94 -11.98 -6.59
CA ARG C 19 -31.70 -11.24 -6.59
C ARG C 19 -30.58 -12.08 -7.17
N LEU C 20 -29.60 -11.40 -7.76
CA LEU C 20 -28.46 -12.04 -8.40
C LEU C 20 -27.17 -11.67 -7.66
N SER C 21 -26.22 -12.59 -7.68
CA SER C 21 -24.95 -12.44 -6.98
C SER C 21 -23.79 -12.73 -7.92
N CYS C 22 -22.61 -12.21 -7.56
CA CYS C 22 -21.42 -12.41 -8.36
C CYS C 22 -20.18 -12.23 -7.50
N ALA C 23 -19.37 -13.28 -7.37
CA ALA C 23 -18.10 -13.21 -6.68
C ALA C 23 -16.97 -12.99 -7.67
N ALA C 24 -15.87 -12.41 -7.18
CA ALA C 24 -14.78 -12.01 -8.04
C ALA C 24 -13.43 -12.22 -7.35
N SER C 25 -12.41 -12.48 -8.17
CA SER C 25 -11.05 -12.69 -7.69
C SER C 25 -10.09 -12.15 -8.74
N GLY C 26 -8.89 -11.80 -8.28
CA GLY C 26 -7.80 -11.42 -9.17
C GLY C 26 -7.52 -9.93 -9.26
N SER C 27 -8.35 -9.09 -8.66
CA SER C 27 -8.11 -7.66 -8.66
C SER C 27 -8.46 -7.13 -7.27
N ILE C 28 -8.63 -5.82 -7.18
CA ILE C 28 -9.16 -5.18 -5.98
C ILE C 28 -10.60 -4.80 -6.32
N PHE C 29 -11.53 -5.66 -5.89
CA PHE C 29 -12.94 -5.45 -6.23
C PHE C 29 -13.39 -4.04 -5.84
N SER C 30 -12.74 -3.47 -4.81
CA SER C 30 -13.04 -2.10 -4.40
C SER C 30 -12.97 -1.14 -5.58
N LEU C 31 -11.93 -1.27 -6.40
CA LEU C 31 -11.60 -0.28 -7.41
C LEU C 31 -12.29 -0.52 -8.75
N ASN C 32 -12.94 -1.66 -8.94
CA ASN C 32 -13.50 -2.00 -10.24
C ASN C 32 -14.95 -1.56 -10.35
N ASP C 33 -15.30 -1.02 -11.51
CA ASP C 33 -16.70 -0.79 -11.82
C ASP C 33 -17.40 -2.12 -12.08
N MET C 34 -18.70 -2.15 -11.80
CA MET C 34 -19.47 -3.39 -11.92
C MET C 34 -20.83 -3.09 -12.54
N GLY C 35 -21.45 -4.15 -13.07
CA GLY C 35 -22.75 -4.06 -13.68
C GLY C 35 -23.23 -5.37 -14.28
N TRP C 36 -24.54 -5.52 -14.49
CA TRP C 36 -25.10 -6.73 -15.10
C TRP C 36 -25.57 -6.44 -16.51
N TYR C 37 -25.50 -7.46 -17.35
CA TYR C 37 -26.01 -7.41 -18.72
C TYR C 37 -26.90 -8.61 -18.97
N ARG C 38 -27.98 -8.41 -19.71
CA ARG C 38 -28.86 -9.50 -20.09
C ARG C 38 -28.85 -9.68 -21.61
N GLN C 39 -29.17 -10.90 -22.03
CA GLN C 39 -29.37 -11.19 -23.45
C GLN C 39 -30.41 -12.29 -23.57
N ALA C 40 -31.56 -11.95 -24.15
CA ALA C 40 -32.67 -12.85 -24.46
C ALA C 40 -32.52 -13.39 -25.88
N PRO C 41 -32.91 -14.63 -26.14
CA PRO C 41 -32.75 -15.20 -27.49
C PRO C 41 -33.51 -14.36 -28.51
N GLY C 42 -32.81 -14.02 -29.59
CA GLY C 42 -33.33 -13.08 -30.56
C GLY C 42 -33.10 -11.62 -30.22
N LYS C 43 -32.51 -11.33 -29.06
CA LYS C 43 -32.19 -9.97 -28.65
C LYS C 43 -30.69 -9.86 -28.38
N LEU C 44 -30.14 -8.68 -28.64
CA LEU C 44 -28.72 -8.46 -28.39
C LEU C 44 -28.47 -8.23 -26.90
N ARG C 45 -27.21 -8.41 -26.50
CA ARG C 45 -26.82 -8.15 -25.13
C ARG C 45 -27.16 -6.72 -24.74
N GLU C 46 -27.68 -6.53 -23.53
CA GLU C 46 -28.17 -5.24 -23.08
C GLU C 46 -27.70 -4.95 -21.67
N LEU C 47 -27.28 -3.71 -21.42
CA LEU C 47 -26.98 -3.28 -20.06
C LEU C 47 -28.28 -3.15 -19.27
N VAL C 48 -28.30 -3.69 -18.05
CA VAL C 48 -29.45 -3.60 -17.18
C VAL C 48 -29.21 -2.65 -16.01
N ALA C 49 -27.99 -2.65 -15.45
CA ALA C 49 -27.66 -1.87 -14.28
C ALA C 49 -26.16 -1.91 -14.07
N ALA C 50 -25.57 -0.76 -13.75
CA ALA C 50 -24.14 -0.65 -13.55
C ALA C 50 -23.86 0.15 -12.29
N ILE C 51 -23.05 -0.42 -11.41
CA ILE C 51 -22.57 0.25 -10.19
C ILE C 51 -21.11 0.59 -10.38
N THR C 52 -20.79 1.89 -10.36
CA THR C 52 -19.41 2.26 -10.58
C THR C 52 -18.62 2.06 -9.29
N SER C 53 -17.29 2.20 -9.40
CA SER C 53 -16.42 1.92 -8.26
C SER C 53 -16.71 2.88 -7.12
N GLY C 54 -16.97 4.15 -7.43
CA GLY C 54 -17.31 5.12 -6.41
C GLY C 54 -18.67 4.92 -5.79
N GLY C 55 -19.55 4.17 -6.46
CA GLY C 55 -20.89 3.91 -5.93
C GLY C 55 -22.04 4.48 -6.75
N SER C 56 -21.79 5.20 -7.85
CA SER C 56 -22.88 5.69 -8.67
C SER C 56 -23.58 4.54 -9.39
N THR C 57 -24.86 4.74 -9.70
CA THR C 57 -25.69 3.70 -10.29
C THR C 57 -26.35 4.20 -11.56
N LYS C 58 -26.42 3.33 -12.57
CA LYS C 58 -27.16 3.62 -13.81
C LYS C 58 -28.03 2.41 -14.12
N TYR C 59 -29.27 2.69 -14.56
CA TYR C 59 -30.25 1.65 -14.82
C TYR C 59 -30.83 1.82 -16.22
N ALA C 60 -31.14 0.70 -16.86
CA ALA C 60 -31.76 0.75 -18.17
C ALA C 60 -33.16 1.32 -18.07
N ASP C 61 -33.57 2.09 -19.09
CA ASP C 61 -34.87 2.76 -19.03
C ASP C 61 -36.01 1.75 -18.98
N SER C 62 -35.92 0.67 -19.75
CA SER C 62 -36.97 -0.34 -19.78
C SER C 62 -37.14 -1.04 -18.43
N VAL C 63 -36.24 -0.82 -17.48
CA VAL C 63 -36.27 -1.52 -16.20
C VAL C 63 -36.04 -0.55 -15.06
N LYS C 64 -36.19 0.74 -15.32
CA LYS C 64 -35.93 1.75 -14.30
C LYS C 64 -36.99 1.71 -13.22
N GLY C 65 -36.55 1.88 -11.97
CA GLY C 65 -37.47 1.80 -10.85
C GLY C 65 -37.93 0.40 -10.49
N ARG C 66 -37.37 -0.62 -11.15
CA ARG C 66 -37.71 -2.01 -10.86
C ARG C 66 -36.49 -2.86 -10.55
N PHE C 67 -35.29 -2.29 -10.53
CA PHE C 67 -34.06 -3.03 -10.35
C PHE C 67 -33.11 -2.19 -9.50
N THR C 68 -32.38 -2.86 -8.60
CA THR C 68 -31.41 -2.19 -7.74
C THR C 68 -30.10 -2.96 -7.76
N ILE C 69 -29.10 -2.39 -8.42
CA ILE C 69 -27.74 -2.92 -8.35
C ILE C 69 -27.09 -2.45 -7.05
N SER C 70 -26.24 -3.30 -6.46
CA SER C 70 -25.56 -2.96 -5.22
C SER C 70 -24.37 -3.88 -5.04
N ARG C 71 -23.41 -3.44 -4.23
CA ARG C 71 -22.17 -4.16 -4.06
C ARG C 71 -21.80 -4.22 -2.58
N ASP C 72 -21.01 -5.23 -2.24
CA ASP C 72 -20.39 -5.34 -0.92
C ASP C 72 -18.91 -5.64 -1.14
N ASN C 73 -18.08 -4.60 -1.04
CA ASN C 73 -16.65 -4.75 -1.31
C ASN C 73 -15.95 -5.58 -0.25
N ALA C 74 -16.58 -5.82 0.90
CA ALA C 74 -15.99 -6.70 1.90
C ALA C 74 -16.01 -8.15 1.43
N LYS C 75 -17.16 -8.61 0.94
CA LYS C 75 -17.32 -9.98 0.46
C LYS C 75 -16.92 -10.15 -1.01
N ASN C 76 -16.44 -9.09 -1.66
CA ASN C 76 -16.00 -9.16 -3.06
C ASN C 76 -17.14 -9.51 -4.01
N THR C 77 -18.34 -9.01 -3.72
CA THR C 77 -19.51 -9.36 -4.51
C THR C 77 -20.32 -8.13 -4.89
N VAL C 78 -21.16 -8.31 -5.91
CA VAL C 78 -22.08 -7.31 -6.40
C VAL C 78 -23.46 -7.96 -6.55
N TYR C 79 -24.51 -7.24 -6.18
CA TYR C 79 -25.86 -7.77 -6.11
C TYR C 79 -26.81 -6.96 -6.99
N LEU C 80 -27.83 -7.63 -7.50
CA LEU C 80 -28.90 -6.98 -8.26
C LEU C 80 -30.24 -7.54 -7.79
N GLN C 81 -31.05 -6.69 -7.16
CA GLN C 81 -32.37 -7.08 -6.67
C GLN C 81 -33.41 -6.68 -7.71
N MET C 82 -33.70 -7.59 -8.64
CA MET C 82 -34.84 -7.39 -9.53
C MET C 82 -36.14 -7.60 -8.77
N ASN C 83 -37.02 -6.61 -8.81
CA ASN C 83 -38.39 -6.77 -8.35
C ASN C 83 -39.35 -6.41 -9.47
N SER C 84 -40.60 -6.85 -9.31
CA SER C 84 -41.69 -6.57 -10.25
C SER C 84 -41.35 -7.11 -11.65
N LEU C 85 -40.87 -8.35 -11.69
CA LEU C 85 -40.46 -8.97 -12.94
C LEU C 85 -41.62 -9.06 -13.93
N LYS C 86 -41.33 -8.76 -15.19
CA LYS C 86 -42.29 -8.83 -16.29
C LYS C 86 -41.86 -9.93 -17.26
N ALA C 87 -42.79 -10.34 -18.12
CA ALA C 87 -42.48 -11.33 -19.14
C ALA C 87 -41.38 -10.86 -20.08
N GLU C 88 -41.19 -9.54 -20.22
CA GLU C 88 -40.15 -9.02 -21.11
C GLU C 88 -38.75 -9.19 -20.54
N ASP C 89 -38.62 -9.26 -19.21
CA ASP C 89 -37.31 -9.31 -18.58
C ASP C 89 -36.58 -10.63 -18.80
N THR C 90 -37.27 -11.65 -19.31
CA THR C 90 -36.67 -12.97 -19.47
C THR C 90 -35.46 -12.93 -20.39
N ALA C 91 -34.30 -13.29 -19.85
CA ALA C 91 -33.04 -13.25 -20.59
C ALA C 91 -31.97 -13.99 -19.78
N VAL C 92 -30.78 -14.11 -20.37
CA VAL C 92 -29.60 -14.65 -19.70
C VAL C 92 -28.78 -13.48 -19.16
N TYR C 93 -28.55 -13.47 -17.85
CA TYR C 93 -27.88 -12.36 -17.19
C TYR C 93 -26.42 -12.71 -16.93
N TYR C 94 -25.54 -11.75 -17.23
CA TYR C 94 -24.10 -11.94 -17.12
C TYR C 94 -23.49 -10.86 -16.23
N CYS C 95 -22.44 -11.25 -15.52
CA CYS C 95 -21.76 -10.38 -14.57
C CYS C 95 -20.51 -9.78 -15.19
N ASN C 96 -20.41 -8.45 -15.15
CA ASN C 96 -19.29 -7.72 -15.76
C ASN C 96 -18.46 -7.03 -14.69
N ALA C 97 -17.14 -7.19 -14.79
CA ALA C 97 -16.18 -6.48 -13.96
C ALA C 97 -15.18 -5.78 -14.86
N LYS C 98 -14.96 -4.49 -14.63
CA LYS C 98 -13.98 -3.72 -15.38
C LYS C 98 -12.75 -3.49 -14.51
N VAL C 99 -11.59 -3.93 -14.98
CA VAL C 99 -10.36 -3.88 -14.21
C VAL C 99 -9.33 -3.07 -15.01
N ALA C 100 -8.94 -1.92 -14.47
CA ALA C 100 -8.06 -1.00 -15.17
C ALA C 100 -6.62 -1.47 -15.15
N GLY C 101 -5.93 -1.28 -16.27
CA GLY C 101 -4.53 -1.60 -16.37
C GLY C 101 -3.68 -0.36 -16.49
N THR C 102 -2.56 -0.43 -17.21
CA THR C 102 -1.70 0.74 -17.35
C THR C 102 -2.38 1.79 -18.23
N PHE C 103 -2.45 1.54 -19.55
CA PHE C 103 -3.05 2.53 -20.45
C PHE C 103 -4.52 2.30 -20.74
N SER C 104 -5.08 1.12 -20.45
CA SER C 104 -6.45 0.82 -20.86
C SER C 104 -7.18 0.04 -19.79
N ILE C 105 -8.49 -0.01 -19.94
CA ILE C 105 -9.39 -0.73 -19.03
C ILE C 105 -9.85 -2.00 -19.72
N TYR C 106 -9.99 -3.08 -18.93
CA TYR C 106 -10.31 -4.40 -19.45
C TYR C 106 -11.67 -4.86 -18.96
N ASP C 107 -12.30 -5.73 -19.75
CA ASP C 107 -13.60 -6.30 -19.44
C ASP C 107 -13.46 -7.77 -19.06
N TYR C 108 -14.29 -8.19 -18.11
CA TYR C 108 -14.31 -9.57 -17.66
C TYR C 108 -15.76 -9.94 -17.35
N TRP C 109 -16.13 -11.17 -17.74
CA TRP C 109 -17.50 -11.63 -17.61
C TRP C 109 -17.51 -12.99 -16.91
N GLY C 110 -18.63 -13.28 -16.25
CA GLY C 110 -18.84 -14.60 -15.70
C GLY C 110 -19.43 -15.56 -16.71
N GLN C 111 -19.62 -16.81 -16.28
CA GLN C 111 -20.09 -17.84 -17.21
C GLN C 111 -21.57 -17.66 -17.54
N GLY C 112 -22.36 -17.10 -16.63
CA GLY C 112 -23.73 -16.74 -16.94
C GLY C 112 -24.80 -17.39 -16.10
N THR C 113 -25.97 -16.75 -16.02
CA THR C 113 -27.16 -17.28 -15.40
C THR C 113 -28.38 -16.84 -16.19
N GLN C 114 -29.45 -17.64 -16.12
CA GLN C 114 -30.67 -17.36 -16.87
C GLN C 114 -31.84 -17.09 -15.92
N VAL C 115 -32.63 -16.06 -16.26
CA VAL C 115 -33.86 -15.71 -15.57
C VAL C 115 -34.99 -15.76 -16.58
N THR C 116 -36.11 -16.36 -16.18
CA THR C 116 -37.26 -16.47 -17.07
C THR C 116 -38.54 -16.26 -16.27
N VAL C 117 -39.27 -15.22 -16.62
CA VAL C 117 -40.54 -14.89 -15.97
C VAL C 117 -41.65 -15.69 -16.66
N SER C 118 -42.49 -16.33 -15.85
CA SER C 118 -43.54 -17.21 -16.33
C SER C 118 -44.89 -16.50 -16.31
N SER C 119 -45.53 -16.41 -17.46
CA SER C 119 -46.91 -15.96 -17.50
C SER C 119 -47.81 -17.01 -16.84
N HIS C 120 -49.07 -16.63 -16.65
CA HIS C 120 -50.06 -17.50 -16.01
C HIS C 120 -50.23 -18.84 -16.72
N GLN D 1 -7.09 -13.01 16.62
CA GLN D 1 -7.74 -12.75 15.34
C GLN D 1 -7.03 -13.48 14.20
N VAL D 2 -5.84 -14.02 14.48
CA VAL D 2 -5.17 -14.88 13.52
C VAL D 2 -5.43 -16.31 13.94
N GLN D 3 -5.22 -17.24 13.02
CA GLN D 3 -5.47 -18.65 13.28
C GLN D 3 -4.33 -19.48 12.72
N LEU D 4 -4.08 -20.63 13.36
CA LEU D 4 -3.01 -21.54 12.98
C LEU D 4 -3.55 -22.97 12.99
N GLN D 5 -3.12 -23.77 12.02
CA GLN D 5 -3.59 -25.15 11.89
C GLN D 5 -2.42 -26.03 11.48
N GLU D 6 -1.97 -26.89 12.40
CA GLU D 6 -0.94 -27.87 12.08
C GLU D 6 -1.53 -29.03 11.29
N SER D 7 -0.65 -29.82 10.68
CA SER D 7 -1.03 -31.01 9.94
C SER D 7 0.21 -31.86 9.71
N GLY D 8 0.00 -33.18 9.68
CA GLY D 8 1.02 -34.10 9.22
C GLY D 8 1.83 -34.79 10.29
N GLY D 9 1.19 -35.19 11.39
CA GLY D 9 1.84 -35.93 12.45
C GLY D 9 1.35 -37.36 12.55
N GLY D 10 1.88 -38.07 13.54
CA GLY D 10 1.50 -39.44 13.75
C GLY D 10 2.68 -40.34 14.09
N LEU D 11 2.64 -41.59 13.68
CA LEU D 11 3.72 -42.51 13.99
C LEU D 11 4.60 -42.75 12.79
N VAL D 12 5.79 -43.27 13.07
CA VAL D 12 6.72 -43.75 12.04
C VAL D 12 7.85 -44.45 12.77
N GLN D 13 8.43 -45.47 12.15
CA GLN D 13 9.54 -46.17 12.74
C GLN D 13 10.75 -45.24 12.84
N ALA D 14 11.66 -45.55 13.76
CA ALA D 14 12.88 -44.77 13.90
C ALA D 14 13.64 -44.74 12.58
N GLY D 15 14.37 -43.64 12.36
CA GLY D 15 14.97 -43.38 11.08
C GLY D 15 13.99 -42.91 10.03
N GLY D 16 12.70 -42.87 10.34
CA GLY D 16 11.69 -42.41 9.41
C GLY D 16 11.77 -40.92 9.18
N SER D 17 10.75 -40.41 8.49
CA SER D 17 10.71 -39.00 8.17
C SER D 17 9.26 -38.52 8.21
N LEU D 18 9.10 -37.25 8.61
CA LEU D 18 7.79 -36.62 8.64
C LEU D 18 7.93 -35.17 8.19
N ARG D 19 6.82 -34.62 7.71
CA ARG D 19 6.78 -33.23 7.24
C ARG D 19 5.59 -32.55 7.91
N LEU D 20 5.84 -31.91 9.04
CA LEU D 20 4.78 -31.15 9.70
C LEU D 20 4.63 -29.81 9.00
N SER D 21 3.40 -29.36 8.82
CA SER D 21 3.13 -28.13 8.09
C SER D 21 2.03 -27.34 8.78
N CYS D 22 2.22 -26.03 8.86
CA CYS D 22 1.31 -25.13 9.58
C CYS D 22 0.89 -23.99 8.68
N ALA D 23 -0.42 -23.81 8.51
CA ALA D 23 -0.98 -22.72 7.72
C ALA D 23 -1.53 -21.65 8.65
N ALA D 24 -1.23 -20.39 8.31
CA ALA D 24 -1.62 -19.24 9.12
C ALA D 24 -2.53 -18.32 8.33
N SER D 25 -3.42 -17.63 9.05
CA SER D 25 -4.33 -16.67 8.44
C SER D 25 -4.67 -15.60 9.47
N GLY D 26 -4.67 -14.35 9.04
CA GLY D 26 -5.05 -13.25 9.91
C GLY D 26 -4.08 -12.09 9.85
N SER D 27 -2.93 -12.30 9.20
CA SER D 27 -1.89 -11.30 9.14
C SER D 27 -1.09 -11.51 7.86
N ILE D 28 -0.25 -10.53 7.55
CA ILE D 28 0.69 -10.67 6.43
C ILE D 28 1.76 -11.66 6.85
N PHE D 29 1.60 -12.92 6.44
CA PHE D 29 2.52 -13.98 6.84
C PHE D 29 3.96 -13.66 6.44
N SER D 30 4.15 -12.75 5.47
CA SER D 30 5.49 -12.37 5.04
C SER D 30 6.25 -11.65 6.14
N LEU D 31 5.56 -10.82 6.93
CA LEU D 31 6.19 -9.98 7.95
C LEU D 31 6.19 -10.61 9.33
N ASN D 32 5.92 -11.90 9.44
CA ASN D 32 5.88 -12.56 10.73
C ASN D 32 7.05 -13.53 10.86
N ASP D 33 7.55 -13.65 12.08
CA ASP D 33 8.52 -14.68 12.40
C ASP D 33 7.79 -15.97 12.73
N MET D 34 8.40 -17.09 12.38
CA MET D 34 7.76 -18.39 12.49
C MET D 34 8.71 -19.38 13.14
N GLY D 35 8.14 -20.34 13.87
CA GLY D 35 8.96 -21.32 14.55
C GLY D 35 8.15 -22.52 14.99
N TRP D 36 8.88 -23.61 15.26
CA TRP D 36 8.29 -24.85 15.74
C TRP D 36 8.80 -25.15 17.14
N TYR D 37 7.89 -25.55 18.03
CA TYR D 37 8.22 -25.97 19.39
C TYR D 37 7.65 -27.36 19.61
N ARG D 38 8.29 -28.11 20.51
CA ARG D 38 7.79 -29.43 20.90
C ARG D 38 7.80 -29.56 22.41
N GLN D 39 6.87 -30.35 22.92
CA GLN D 39 6.76 -30.64 24.36
C GLN D 39 6.79 -32.15 24.53
N ALA D 40 7.98 -32.69 24.75
CA ALA D 40 8.11 -34.11 25.04
C ALA D 40 7.54 -34.43 26.42
N PRO D 41 7.08 -35.66 26.63
CA PRO D 41 6.54 -36.02 27.95
C PRO D 41 7.59 -35.87 29.04
N GLY D 42 7.12 -35.44 30.21
CA GLY D 42 8.01 -35.26 31.36
C GLY D 42 9.07 -34.19 31.14
N LYS D 43 8.90 -33.40 30.09
CA LYS D 43 9.84 -32.35 29.74
C LYS D 43 9.09 -31.04 29.60
N LEU D 44 9.84 -29.97 29.37
CA LEU D 44 9.26 -28.65 29.18
C LEU D 44 9.24 -28.28 27.71
N ARG D 45 8.40 -27.31 27.37
CA ARG D 45 8.21 -26.91 25.99
C ARG D 45 9.46 -26.20 25.46
N GLU D 46 10.10 -26.80 24.45
CA GLU D 46 11.35 -26.31 23.92
C GLU D 46 11.21 -25.99 22.44
N LEU D 47 12.01 -25.04 21.98
CA LEU D 47 12.07 -24.71 20.57
C LEU D 47 12.87 -25.77 19.82
N VAL D 48 12.41 -26.11 18.61
CA VAL D 48 13.16 -27.00 17.74
C VAL D 48 13.77 -26.25 16.56
N ALA D 49 13.03 -25.29 16.00
CA ALA D 49 13.49 -24.52 14.85
C ALA D 49 12.67 -23.25 14.76
N ALA D 50 13.30 -22.19 14.32
CA ALA D 50 12.61 -20.92 14.07
C ALA D 50 13.13 -20.32 12.78
N ILE D 51 12.22 -19.79 11.97
CA ILE D 51 12.57 -19.01 10.79
C ILE D 51 12.06 -17.59 10.96
N THR D 52 12.94 -16.62 10.77
CA THR D 52 12.57 -15.22 10.83
C THR D 52 12.08 -14.75 9.46
N SER D 53 11.30 -13.67 9.46
CA SER D 53 10.74 -13.15 8.22
C SER D 53 11.83 -12.77 7.22
N GLY D 54 13.06 -12.56 7.69
CA GLY D 54 14.19 -12.33 6.82
C GLY D 54 14.88 -13.58 6.32
N GLY D 55 14.51 -14.75 6.85
CA GLY D 55 15.01 -16.01 6.35
C GLY D 55 15.96 -16.73 7.27
N SER D 56 16.55 -16.04 8.25
CA SER D 56 17.55 -16.67 9.10
C SER D 56 16.91 -17.73 9.99
N THR D 57 17.64 -18.82 10.23
CA THR D 57 17.09 -19.99 10.89
C THR D 57 18.06 -20.52 11.94
N LYS D 58 17.58 -20.67 13.17
CA LYS D 58 18.27 -21.40 14.23
C LYS D 58 17.53 -22.69 14.53
N TYR D 59 18.26 -23.67 15.06
CA TYR D 59 17.72 -24.99 15.34
C TYR D 59 18.07 -25.41 16.75
N ALA D 60 17.24 -26.28 17.32
CA ALA D 60 17.62 -26.94 18.56
C ALA D 60 18.81 -27.84 18.31
N ASP D 61 19.75 -27.85 19.27
CA ASP D 61 20.98 -28.61 19.10
C ASP D 61 20.69 -30.09 18.89
N SER D 62 19.66 -30.61 19.55
CA SER D 62 19.32 -32.02 19.41
C SER D 62 18.82 -32.35 18.01
N VAL D 63 18.24 -31.37 17.32
CA VAL D 63 17.66 -31.58 16.01
C VAL D 63 18.47 -30.96 14.89
N LYS D 64 19.64 -30.39 15.21
CA LYS D 64 20.46 -29.76 14.19
C LYS D 64 20.97 -30.80 13.20
N GLY D 65 20.73 -30.54 11.92
CA GLY D 65 21.09 -31.46 10.87
C GLY D 65 20.01 -32.47 10.52
N ARG D 66 19.10 -32.74 11.45
CA ARG D 66 18.02 -33.69 11.20
C ARG D 66 16.75 -33.00 10.71
N PHE D 67 16.38 -31.87 11.30
CA PHE D 67 15.19 -31.13 10.91
C PHE D 67 15.58 -29.91 10.08
N THR D 68 14.74 -29.57 9.12
CA THR D 68 14.89 -28.35 8.33
C THR D 68 13.59 -27.57 8.39
N ILE D 69 13.66 -26.36 8.92
CA ILE D 69 12.55 -25.41 8.86
C ILE D 69 12.64 -24.66 7.53
N SER D 70 11.48 -24.36 6.96
CA SER D 70 11.41 -23.68 5.67
C SER D 70 10.08 -22.97 5.59
N ARG D 71 9.99 -22.04 4.65
CA ARG D 71 8.82 -21.17 4.54
C ARG D 71 8.32 -21.16 3.10
N ASP D 72 7.01 -21.02 2.97
CA ASP D 72 6.37 -20.72 1.69
C ASP D 72 5.35 -19.60 1.92
N ASN D 73 5.69 -18.39 1.46
CA ASN D 73 4.84 -17.22 1.62
C ASN D 73 3.67 -17.20 0.64
N ALA D 74 3.78 -17.90 -0.49
CA ALA D 74 2.67 -17.94 -1.44
C ALA D 74 1.44 -18.59 -0.82
N LYS D 75 1.64 -19.58 0.05
CA LYS D 75 0.53 -20.36 0.60
C LYS D 75 0.32 -20.10 2.09
N ASN D 76 1.03 -19.15 2.70
CA ASN D 76 0.87 -18.81 4.11
C ASN D 76 1.20 -19.99 5.02
N THR D 77 2.24 -20.74 4.68
CA THR D 77 2.57 -21.96 5.39
C THR D 77 4.06 -22.06 5.66
N VAL D 78 4.39 -22.68 6.79
CA VAL D 78 5.75 -22.94 7.21
C VAL D 78 5.89 -24.44 7.47
N TYR D 79 7.03 -25.01 7.08
CA TYR D 79 7.22 -26.44 7.04
C TYR D 79 8.38 -26.86 7.94
N LEU D 80 8.16 -27.90 8.75
CA LEU D 80 9.24 -28.59 9.46
C LEU D 80 9.37 -29.98 8.85
N GLN D 81 10.52 -30.24 8.24
CA GLN D 81 10.81 -31.54 7.64
C GLN D 81 11.65 -32.31 8.66
N MET D 82 10.99 -33.21 9.40
CA MET D 82 11.65 -34.03 10.40
C MET D 82 12.29 -35.24 9.73
N ASN D 83 13.62 -35.28 9.72
CA ASN D 83 14.35 -36.34 9.05
C ASN D 83 15.27 -37.04 10.04
N SER D 84 15.55 -38.30 9.77
CA SER D 84 16.37 -39.15 10.65
C SER D 84 15.77 -39.22 12.05
N LEU D 85 14.49 -39.59 12.11
CA LEU D 85 13.76 -39.52 13.37
C LEU D 85 14.33 -40.45 14.42
N LYS D 86 14.27 -40.00 15.67
CA LYS D 86 14.71 -40.75 16.82
C LYS D 86 13.56 -40.82 17.81
N ALA D 87 13.58 -41.84 18.67
CA ALA D 87 12.50 -42.01 19.63
C ALA D 87 12.39 -40.82 20.58
N GLU D 88 13.51 -40.11 20.81
CA GLU D 88 13.49 -38.94 21.67
C GLU D 88 12.67 -37.80 21.09
N ASP D 89 12.42 -37.80 19.77
CA ASP D 89 11.65 -36.74 19.11
C ASP D 89 10.15 -36.86 19.35
N THR D 90 9.72 -37.73 20.25
CA THR D 90 8.29 -37.95 20.49
C THR D 90 7.75 -36.80 21.34
N ALA D 91 6.85 -36.01 20.77
CA ALA D 91 6.32 -34.84 21.45
C ALA D 91 5.13 -34.29 20.65
N VAL D 92 4.32 -33.48 21.33
CA VAL D 92 3.33 -32.67 20.64
C VAL D 92 4.05 -31.46 20.05
N TYR D 93 4.03 -31.32 18.73
CA TYR D 93 4.72 -30.23 18.07
C TYR D 93 3.77 -29.08 17.84
N TYR D 94 4.27 -27.87 18.09
CA TYR D 94 3.46 -26.66 18.03
C TYR D 94 4.00 -25.69 17.00
N CYS D 95 3.08 -25.02 16.31
CA CYS D 95 3.37 -23.95 15.38
C CYS D 95 3.20 -22.62 16.09
N ASN D 96 4.21 -21.75 15.99
CA ASN D 96 4.20 -20.45 16.65
C ASN D 96 4.26 -19.35 15.60
N ALA D 97 3.47 -18.30 15.83
CA ALA D 97 3.53 -17.09 15.02
C ALA D 97 3.80 -15.89 15.92
N LYS D 98 4.68 -15.01 15.48
CA LYS D 98 4.99 -13.78 16.20
C LYS D 98 4.59 -12.61 15.30
N VAL D 99 3.47 -11.97 15.65
CA VAL D 99 2.89 -10.90 14.85
C VAL D 99 3.05 -9.58 15.60
N ALA D 100 3.66 -8.61 14.94
CA ALA D 100 3.95 -7.34 15.59
C ALA D 100 2.75 -6.40 15.46
N GLY D 101 2.35 -5.79 16.57
CA GLY D 101 1.33 -4.78 16.55
C GLY D 101 1.90 -3.38 16.71
N THR D 102 1.25 -2.56 17.53
CA THR D 102 1.70 -1.18 17.69
C THR D 102 2.94 -1.10 18.56
N PHE D 103 2.78 -1.29 19.87
CA PHE D 103 3.89 -1.18 20.80
C PHE D 103 4.48 -2.53 21.19
N SER D 104 3.92 -3.63 20.74
CA SER D 104 4.39 -4.94 21.18
C SER D 104 4.19 -5.98 20.08
N ILE D 105 4.85 -7.12 20.25
CA ILE D 105 4.68 -8.27 19.39
C ILE D 105 3.79 -9.29 20.09
N TYR D 106 2.93 -9.96 19.33
CA TYR D 106 1.99 -10.92 19.87
C TYR D 106 2.38 -12.34 19.48
N ASP D 107 2.14 -13.28 20.38
CA ASP D 107 2.46 -14.68 20.16
C ASP D 107 1.18 -15.47 19.89
N TYR D 108 1.28 -16.43 18.97
CA TYR D 108 0.13 -17.18 18.48
C TYR D 108 0.54 -18.61 18.23
N TRP D 109 -0.20 -19.54 18.81
CA TRP D 109 0.17 -20.95 18.82
C TRP D 109 -0.89 -21.78 18.12
N GLY D 110 -0.46 -22.90 17.54
CA GLY D 110 -1.40 -23.84 16.98
C GLY D 110 -1.93 -24.80 18.04
N GLN D 111 -2.91 -25.61 17.62
CA GLN D 111 -3.47 -26.60 18.52
C GLN D 111 -2.43 -27.65 18.90
N GLY D 112 -1.53 -27.98 17.99
CA GLY D 112 -0.54 -29.01 18.21
C GLY D 112 -0.88 -30.29 17.47
N THR D 113 0.12 -31.16 17.37
CA THR D 113 -0.02 -32.40 16.63
C THR D 113 1.06 -33.38 17.06
N GLN D 114 0.68 -34.65 17.20
CA GLN D 114 1.54 -35.63 17.84
C GLN D 114 2.43 -36.36 16.85
N VAL D 115 3.62 -36.73 17.33
CA VAL D 115 4.62 -37.46 16.56
C VAL D 115 5.19 -38.53 17.50
N THR D 116 4.88 -39.79 17.25
CA THR D 116 5.40 -40.90 18.03
C THR D 116 6.42 -41.68 17.21
N VAL D 117 7.60 -41.89 17.78
CA VAL D 117 8.67 -42.63 17.12
C VAL D 117 8.88 -43.94 17.88
N SER D 118 9.36 -44.96 17.16
CA SER D 118 9.49 -46.32 17.69
C SER D 118 10.93 -46.78 17.50
N SER D 119 11.58 -47.18 18.59
CA SER D 119 13.00 -47.55 18.54
C SER D 119 13.23 -48.81 17.69
C4 A1AE2 E . 13.88 23.99 -12.05
C14 A1AE2 E . 16.80 29.76 -19.48
C5 A1AE2 E . 14.91 24.81 -12.09
C6 A1AE2 E . 15.45 25.29 -13.43
C11 A1AE2 E . 15.01 25.83 -18.10
C7 A1AE2 E . 16.64 26.24 -13.45
C8 A1AE2 E . 17.71 25.74 -12.49
C9 A1AE2 E . 18.60 26.85 -11.95
C10 A1AE2 E . 14.41 25.79 -16.69
C12 A1AE2 E . 16.04 26.95 -18.14
C13 A1AE2 E . 16.30 29.30 -18.13
N1 A1AE2 E . 15.37 28.21 -18.36
N2 A1AE2 E . 16.07 32.99 -19.61
C3 A1AE2 E . 13.24 23.50 -13.34
N3 A1AE2 E . 16.72 34.05 -20.24
C1 A1AE2 E . 14.90 24.87 -14.56
C15 A1AE2 E . 15.65 30.51 -20.15
C16 A1AE2 E . 16.20 31.89 -20.44
C17 A1AE2 E . 16.91 32.26 -21.56
C18 A1AE2 E . 17.99 34.44 -22.36
C19 A1AE2 E . 19.25 33.79 -22.95
C2 A1AE2 E . 13.71 23.91 -14.51
C20 A1AE2 E . 19.95 32.87 -21.95
C21 A1AE2 E . 21.47 32.89 -22.12
C22 A1AE2 E . 22.05 33.03 -20.71
C23 A1AE2 E . 23.15 32.28 -20.33
C24 A1AE2 E . 23.66 32.43 -19.04
C25 A1AE2 E . 23.06 33.31 -18.14
C26 A1AE2 E . 21.96 34.05 -18.55
C27 A1AE2 E . 21.46 33.91 -19.82
C28 A1AE2 E . 22.85 32.74 -15.90
C29 A1AE2 E . 23.85 32.08 -14.93
C30 A1AE2 E . 23.94 30.60 -15.26
C31 A1AE2 E . 22.45 28.95 -14.42
C32 A1AE2 E . 21.75 28.50 -13.14
C33 A1AE2 E . 23.01 27.73 -15.14
N4 A1AE2 E . 17.25 33.61 -21.42
N5 A1AE2 E . 23.56 29.83 -14.10
O1 A1AE2 E . 15.38 25.30 -15.81
O2 A1AE2 E . 14.02 26.11 -19.06
O3 A1AE2 E . 23.56 33.47 -16.85
O4 A1AE2 E . 23.39 32.24 -13.62
C4 A1AE2 F . 11.89 24.92 12.14
C14 A1AE2 F . 16.62 29.76 18.57
C5 A1AE2 F . 11.97 26.21 12.33
C6 A1AE2 F . 12.27 26.76 13.72
C11 A1AE2 F . 13.47 26.39 18.22
C7 A1AE2 F . 12.36 28.27 13.94
C8 A1AE2 F . 11.68 28.97 12.78
C9 A1AE2 F . 11.52 30.46 13.02
C10 A1AE2 F . 13.31 25.62 16.91
C12 A1AE2 F . 14.54 27.45 17.99
C13 A1AE2 F . 15.21 29.44 19.06
N1 A1AE2 F . 15.03 28.01 19.23
N2 A1AE2 F . 18.82 31.77 20.38
C3 A1AE2 F . 12.09 23.97 13.32
N3 A1AE2 F . 18.59 32.83 21.28
C1 A1AE2 F . 12.45 25.95 14.74
C15 A1AE2 F . 17.62 29.58 19.70
C16 A1AE2 F . 17.76 30.88 20.51
C17 A1AE2 F . 16.89 31.37 21.47
C18 A1AE2 F . 16.84 33.42 22.96
C19 A1AE2 F . 17.03 34.90 22.57
C2 A1AE2 F . 12.35 24.44 14.53
C20 A1AE2 F . 15.80 35.36 21.80
C21 A1AE2 F . 15.83 36.88 21.60
C22 A1AE2 F . 15.51 37.18 20.14
C23 A1AE2 F . 14.39 37.92 19.80
C24 A1AE2 F . 14.10 38.19 18.47
C25 A1AE2 F . 14.95 37.73 17.47
C26 A1AE2 F . 16.07 36.99 17.81
C27 A1AE2 F . 16.34 36.72 19.14
C28 A1AE2 F . 13.38 37.62 15.75
C29 A1AE2 F . 13.42 37.13 14.32
C30 A1AE2 F . 13.23 35.61 14.33
C31 A1AE2 F . 11.26 34.29 14.54
C32 A1AE2 F . 10.39 33.51 13.57
C33 A1AE2 F . 10.37 34.96 15.58
N4 A1AE2 F . 17.42 32.57 21.94
N5 A1AE2 F . 11.92 35.32 13.77
O1 A1AE2 F . 12.72 26.48 15.99
O2 A1AE2 F . 13.83 25.53 19.26
O3 A1AE2 F . 14.66 38.00 16.13
O4 A1AE2 F . 14.66 37.46 13.75
C1 AV0 G . 17.26 37.15 -1.51
O1 AV0 G . 17.50 36.13 -0.53
C2 AV0 G . 16.44 38.24 -0.89
O2 AV0 G . 15.23 37.72 -0.39
C3 AV0 G . 16.18 39.30 -1.97
O3 AV0 G . 15.45 40.34 -1.42
C4 AV0 G . 17.52 39.82 -2.51
O4 AV0 G . 17.25 40.62 -3.65
C5 AV0 G . 18.47 38.68 -2.88
O5 AV0 G . 18.48 37.67 -1.91
C6 AV0 G . 19.91 39.19 -2.92
O6 AV0 G . 20.10 40.00 -4.06
CAA AV0 G . 13.54 25.69 -5.89
CAB AV0 G . 14.16 25.47 5.58
OAI AV0 G . 20.35 42.24 -6.32
OAJ AV0 G . 27.18 36.22 2.85
OAL AV0 G . 21.63 38.76 4.30
OAN AV0 G . 25.00 35.26 1.75
OAP AV0 G . 23.03 33.73 0.36
OAQ AV0 G . 16.29 43.26 -7.13
OAR AV0 G . 27.05 40.18 5.49
OAS AV0 G . 14.78 43.87 -4.85
OAT AV0 G . 26.32 37.21 7.15
OAU AV0 G . 15.52 42.51 -2.48
OAV AV0 G . 23.93 39.23 5.39
CAW AV0 G . 14.19 25.73 -4.49
CAX AV0 G . 13.94 25.60 4.07
CAY AV0 G . 14.75 27.17 -4.21
CAZ AV0 G . 14.89 26.66 3.49
CBA AV0 G . 15.18 27.26 -2.71
CBB AV0 G . 14.28 28.09 3.70
CBC AV0 G . 15.74 28.69 -2.39
CBD AV0 G . 15.18 29.15 2.97
CBE AV0 G . 17.22 28.79 -2.87
CBF AV0 G . 14.26 30.22 2.24
CBG AV0 G . 18.14 29.20 -1.69
CBH AV0 G . 14.34 31.59 3.06
CBI AV0 G . 18.72 30.65 -1.97
CBJ AV0 G . 14.68 32.77 2.06
CBK AV0 G . 17.75 31.75 -1.33
CBL AV0 G . 16.22 32.68 1.66
CBM AV0 G . 19.11 42.73 -6.75
CBN AV0 G . 27.73 37.29 3.60
CBP AV0 G . 21.68 38.37 2.95
CBQ AV0 G . 18.53 32.44 -0.13
CBR AV0 G . 16.56 33.97 0.83
CBS AV0 G . 18.01 34.87 -1.06
CBT AV0 G . 19.04 34.57 1.22
OBV AV0 G . 20.38 34.49 0.63
OBX AV0 G . 21.05 36.37 1.77
OBY AV0 G . 18.59 42.35 -4.43
OBZ AV0 G . 25.34 37.91 3.61
OCB AV0 G . 23.66 36.39 4.25
CCC AV0 G . 18.05 42.34 -5.77
CCD AV0 G . 26.66 38.35 3.98
CCF AV0 G . 21.83 36.86 2.89
CCH AV0 G . 23.65 35.24 2.16
CCJ AV0 G . 21.34 34.99 1.51
CCL AV0 G . 22.74 34.97 0.94
CCM AV0 G . 18.02 33.93 0.20
CCN AV0 G . 16.88 43.31 -5.85
CCO AV0 G . 26.88 38.76 5.43
CCQ AV0 G . 23.31 36.53 2.85
CCR AV0 G . 17.66 41.95 -3.42
CCS AV0 G . 24.81 37.11 4.64
CCT AV0 G . 15.85 42.93 -4.83
CCU AV0 G . 25.85 38.36 6.47
CCV AV0 G . 16.47 42.91 -3.43
CCW AV0 G . 24.50 38.05 5.83
#